data_5TL6
#
_entry.id   5TL6
#
_cell.length_a   46.881
_cell.length_b   86.988
_cell.length_c   221.532
_cell.angle_alpha   90.00
_cell.angle_beta   90.00
_cell.angle_gamma   90.00
#
_symmetry.space_group_name_H-M   'P 21 21 21'
#
loop_
_entity.id
_entity.type
_entity.pdbx_description
1 polymer 'Replicase polyprotein 1ab'
2 polymer 'Ubiquitin-like protein ISG15'
3 non-polymer 'ZINC ION'
4 non-polymer 'SULFATE ION'
5 water water
#
loop_
_entity_poly.entity_id
_entity_poly.type
_entity_poly.pdbx_seq_one_letter_code
_entity_poly.pdbx_strand_id
1 'polypeptide(L)'
;MASMEVKTIKVFTTVDNTNLHTQLVDMSMTYGQQFGPTYLDGADVTKIKPHVNHEGKTFFVLPSDDTLRSEAFEYYHTLD
ESFLGRYMSALNHTKKWKFPQVGGLTSIKWADNNCYLSSVLLALQQLEVKFNAPALQEAYYRARAGDAANFCALILAYSN
KTVGELGDVRETMTHLLQHANLESAKRVLNVVCKHCGQKTTTLTGVEAVMYMGTLSYDNLKTGVSIPCVCGRDATQYLVQ
QESSFVMMSAPPAEYKLQQGTFLCANEYTGNYQCGHYTHITAKETLYRIDGAHLTKMSEYKGPVTDVFYKETSYTTTIK
;
B,D
2 'polypeptide(L)'
;MEPLSILVRNNKGRSSTYEVRLTQTVAHLKQQVSGLEGVQDDLFWLTFEGKPLEDQLPLGEYGLKPLSTVFMNLRLRG
(AYE)
;
C,A
#
# COMPACT_ATOMS: atom_id res chain seq x y z
N GLU A 5 9.07 -12.58 -38.46
CA GLU A 5 8.96 -11.15 -38.69
C GLU A 5 8.39 -10.45 -37.44
N VAL A 6 7.47 -11.14 -36.76
CA VAL A 6 6.87 -10.59 -35.55
C VAL A 6 7.93 -10.48 -34.47
N LYS A 7 8.01 -9.31 -33.83
CA LYS A 7 8.95 -9.05 -32.75
C LYS A 7 8.16 -8.54 -31.55
N THR A 8 8.36 -9.18 -30.41
CA THR A 8 7.56 -8.91 -29.22
C THR A 8 8.45 -8.50 -28.05
N ILE A 9 7.79 -8.01 -26.99
CA ILE A 9 8.44 -7.70 -25.72
C ILE A 9 7.58 -8.27 -24.60
N LYS A 10 8.20 -8.44 -23.44
CA LYS A 10 7.54 -8.99 -22.26
C LYS A 10 7.14 -7.86 -21.32
N VAL A 11 5.85 -7.84 -20.95
CA VAL A 11 5.31 -6.86 -20.01
C VAL A 11 4.37 -7.57 -19.06
N PHE A 12 3.95 -6.83 -18.02
CA PHE A 12 2.93 -7.28 -17.09
C PHE A 12 1.70 -6.39 -17.23
N THR A 13 0.52 -7.00 -17.30
CA THR A 13 -0.74 -6.29 -17.27
C THR A 13 -1.50 -6.63 -16.00
N THR A 14 -2.26 -5.66 -15.50
CA THR A 14 -2.98 -5.87 -14.25
C THR A 14 -4.20 -4.97 -14.20
N VAL A 15 -5.14 -5.32 -13.31
CA VAL A 15 -6.28 -4.49 -13.02
C VAL A 15 -6.35 -4.08 -11.55
N ASP A 16 -5.58 -4.72 -10.66
CA ASP A 16 -5.63 -4.45 -9.24
C ASP A 16 -4.27 -4.13 -8.63
N ASN A 17 -3.22 -4.03 -9.45
CA ASN A 17 -1.85 -3.73 -9.04
C ASN A 17 -1.23 -4.79 -8.16
N THR A 18 -1.90 -5.93 -7.98
CA THR A 18 -1.37 -7.04 -7.19
C THR A 18 -1.13 -8.29 -8.03
N ASN A 19 -2.15 -8.73 -8.77
CA ASN A 19 -2.01 -9.88 -9.66
C ASN A 19 -1.43 -9.41 -10.99
N LEU A 20 -0.17 -9.77 -11.25
CA LEU A 20 0.47 -9.46 -12.52
C LEU A 20 0.25 -10.60 -13.50
N HIS A 21 0.07 -10.24 -14.76
CA HIS A 21 -0.15 -11.21 -15.83
C HIS A 21 0.92 -11.01 -16.91
N THR A 22 1.66 -12.07 -17.21
CA THR A 22 2.71 -11.99 -18.21
C THR A 22 2.08 -11.94 -19.61
N GLN A 23 2.61 -11.06 -20.45
CA GLN A 23 2.05 -10.81 -21.76
C GLN A 23 3.16 -10.61 -22.78
N LEU A 24 3.04 -11.27 -23.93
CA LEU A 24 3.90 -11.02 -25.07
C LEU A 24 3.20 -10.03 -25.98
N VAL A 25 3.81 -8.86 -26.19
CA VAL A 25 3.18 -7.75 -26.88
C VAL A 25 3.81 -7.61 -28.25
N ASP A 26 3.00 -7.84 -29.29
CA ASP A 26 3.44 -7.56 -30.66
C ASP A 26 3.78 -6.08 -30.80
N MET A 27 5.02 -5.80 -31.22
CA MET A 27 5.47 -4.42 -31.34
C MET A 27 4.89 -3.70 -32.54
N SER A 28 4.25 -4.41 -33.46
CA SER A 28 3.65 -3.79 -34.64
C SER A 28 2.22 -3.31 -34.40
N MET A 29 1.57 -3.76 -33.34
CA MET A 29 0.23 -3.32 -32.99
C MET A 29 0.29 -2.42 -31.76
N THR A 30 -0.64 -1.46 -31.69
CA THR A 30 -0.75 -0.63 -30.52
C THR A 30 -1.21 -1.46 -29.33
N TYR A 31 -1.02 -0.90 -28.13
CA TYR A 31 -1.53 -1.56 -26.93
C TYR A 31 -3.04 -1.68 -26.96
N GLY A 32 -3.72 -0.79 -27.69
CA GLY A 32 -5.16 -0.88 -27.79
C GLY A 32 -5.63 -2.07 -28.60
N GLN A 33 -4.95 -2.36 -29.71
CA GLN A 33 -5.35 -3.50 -30.54
C GLN A 33 -5.22 -4.81 -29.79
N GLN A 34 -4.29 -4.90 -28.84
CA GLN A 34 -3.99 -6.14 -28.16
C GLN A 34 -4.66 -6.27 -26.80
N PHE A 35 -4.82 -5.17 -26.06
CA PHE A 35 -5.34 -5.22 -24.70
C PHE A 35 -6.54 -4.32 -24.45
N GLY A 36 -6.91 -3.45 -25.40
CA GLY A 36 -7.93 -2.46 -25.16
C GLY A 36 -7.33 -1.21 -24.55
N PRO A 37 -8.13 -0.44 -23.82
CA PRO A 37 -7.58 0.73 -23.12
C PRO A 37 -6.51 0.33 -22.13
N THR A 38 -5.34 0.94 -22.26
CA THR A 38 -4.16 0.58 -21.46
C THR A 38 -3.52 1.85 -20.90
N TYR A 39 -3.00 1.74 -19.68
CA TYR A 39 -2.34 2.86 -19.02
C TYR A 39 -0.98 2.42 -18.49
N LEU A 40 -0.04 3.36 -18.47
CA LEU A 40 1.30 3.13 -17.93
C LEU A 40 1.61 4.28 -16.98
N ASP A 41 1.56 4.01 -15.67
CA ASP A 41 1.70 5.02 -14.63
C ASP A 41 0.67 6.14 -14.81
N GLY A 42 -0.57 5.74 -15.13
CA GLY A 42 -1.64 6.67 -15.37
C GLY A 42 -1.70 7.20 -16.79
N ALA A 43 -0.57 7.25 -17.49
CA ALA A 43 -0.54 7.81 -18.84
C ALA A 43 -1.23 6.85 -19.82
N ASP A 44 -2.21 7.37 -20.55
CA ASP A 44 -2.92 6.57 -21.54
C ASP A 44 -1.97 6.20 -22.68
N VAL A 45 -1.93 4.91 -23.02
CA VAL A 45 -1.04 4.42 -24.07
C VAL A 45 -1.82 3.52 -25.03
N THR A 46 -3.13 3.75 -25.12
CA THR A 46 -3.97 2.92 -25.98
C THR A 46 -3.56 3.03 -27.44
N LYS A 47 -3.16 4.23 -27.87
CA LYS A 47 -2.82 4.49 -29.27
C LYS A 47 -1.34 4.30 -29.56
N ILE A 48 -0.53 3.93 -28.57
CA ILE A 48 0.92 3.91 -28.69
C ILE A 48 1.39 2.49 -28.97
N LYS A 49 2.32 2.33 -29.91
CA LYS A 49 2.95 1.05 -30.17
C LYS A 49 4.10 0.82 -29.19
N PRO A 50 4.40 -0.44 -28.87
CA PRO A 50 5.38 -0.71 -27.81
C PRO A 50 6.76 -0.12 -28.09
N HIS A 51 7.38 0.40 -27.04
CA HIS A 51 8.75 0.87 -27.06
C HIS A 51 9.63 -0.17 -26.36
N VAL A 52 10.91 -0.21 -26.75
CA VAL A 52 11.81 -1.21 -26.21
C VAL A 52 11.97 -1.03 -24.70
N ASN A 53 11.79 0.19 -24.19
CA ASN A 53 11.89 0.44 -22.76
C ASN A 53 10.71 -0.10 -21.97
N HIS A 54 9.64 -0.51 -22.65
CA HIS A 54 8.47 -1.06 -21.97
C HIS A 54 8.69 -2.49 -21.48
N GLU A 55 9.86 -3.08 -21.76
CA GLU A 55 10.13 -4.45 -21.34
C GLU A 55 10.07 -4.58 -19.82
N GLY A 56 9.24 -5.51 -19.35
CA GLY A 56 9.11 -5.76 -17.94
C GLY A 56 8.27 -4.77 -17.17
N LYS A 57 7.79 -3.71 -17.81
CA LYS A 57 6.98 -2.73 -17.12
C LYS A 57 5.57 -3.29 -16.88
N THR A 58 4.90 -2.71 -15.88
CA THR A 58 3.55 -3.10 -15.51
C THR A 58 2.55 -2.13 -16.12
N PHE A 59 1.55 -2.66 -16.81
CA PHE A 59 0.55 -1.86 -17.51
C PHE A 59 -0.81 -2.06 -16.88
N PHE A 60 -1.55 -0.97 -16.74
CA PHE A 60 -2.93 -1.03 -16.25
C PHE A 60 -3.86 -1.22 -17.44
N VAL A 61 -4.67 -2.27 -17.39
CA VAL A 61 -5.61 -2.59 -18.46
C VAL A 61 -7.01 -2.70 -17.87
N LEU A 62 -8.00 -2.57 -18.73
CA LEU A 62 -9.34 -2.75 -18.21
C LEU A 62 -9.76 -4.21 -18.32
N PRO A 63 -10.59 -4.70 -17.38
CA PRO A 63 -10.90 -6.15 -17.36
C PRO A 63 -11.66 -6.62 -18.59
N SER A 64 -10.94 -6.96 -19.66
CA SER A 64 -11.58 -7.35 -20.90
C SER A 64 -12.12 -8.77 -20.85
N ASP A 65 -11.34 -9.71 -20.31
CA ASP A 65 -11.74 -11.11 -20.28
C ASP A 65 -12.25 -11.47 -18.88
N ASP A 66 -12.42 -12.78 -18.63
CA ASP A 66 -13.10 -13.23 -17.43
C ASP A 66 -12.21 -13.22 -16.20
N THR A 67 -10.93 -13.59 -16.35
CA THR A 67 -10.03 -13.61 -15.20
C THR A 67 -9.86 -12.20 -14.63
N LEU A 68 -9.57 -11.22 -15.49
CA LEU A 68 -9.45 -9.84 -15.05
C LEU A 68 -10.76 -9.34 -14.45
N ARG A 69 -11.89 -9.82 -14.99
CA ARG A 69 -13.20 -9.31 -14.57
C ARG A 69 -13.46 -9.63 -13.10
N SER A 70 -13.27 -10.89 -12.71
CA SER A 70 -13.45 -11.26 -11.31
C SER A 70 -12.36 -10.65 -10.43
N GLU A 71 -11.15 -10.51 -10.96
CA GLU A 71 -10.08 -9.86 -10.19
C GLU A 71 -10.42 -8.40 -9.93
N ALA A 72 -10.93 -7.69 -10.95
CA ALA A 72 -11.35 -6.31 -10.74
C ALA A 72 -12.51 -6.22 -9.77
N PHE A 73 -13.40 -7.22 -9.78
CA PHE A 73 -14.56 -7.16 -8.90
C PHE A 73 -14.20 -7.41 -7.44
N GLU A 74 -13.22 -8.27 -7.18
CA GLU A 74 -12.77 -8.48 -5.82
C GLU A 74 -12.07 -7.26 -5.26
N TYR A 75 -11.42 -6.47 -6.12
CA TYR A 75 -10.66 -5.30 -5.69
C TYR A 75 -11.54 -4.07 -5.53
N TYR A 76 -12.45 -3.81 -6.48
CA TYR A 76 -13.22 -2.58 -6.48
C TYR A 76 -14.68 -2.78 -6.04
N HIS A 77 -15.19 -4.01 -6.07
CA HIS A 77 -16.58 -4.30 -5.70
C HIS A 77 -17.56 -3.55 -6.60
N THR A 78 -17.24 -3.46 -7.88
CA THR A 78 -18.14 -2.86 -8.85
C THR A 78 -17.99 -3.58 -10.18
N LEU A 79 -19.10 -3.66 -10.93
CA LEU A 79 -19.11 -4.27 -12.25
C LEU A 79 -19.23 -3.25 -13.36
N ASP A 80 -19.34 -1.96 -13.03
CA ASP A 80 -19.38 -0.90 -14.02
C ASP A 80 -18.19 -1.00 -14.96
N GLU A 81 -18.48 -1.24 -16.25
CA GLU A 81 -17.43 -1.37 -17.24
C GLU A 81 -16.55 -0.13 -17.29
N SER A 82 -17.15 1.04 -17.13
CA SER A 82 -16.46 2.31 -17.28
C SER A 82 -15.80 2.80 -15.99
N PHE A 83 -15.82 2.01 -14.91
CA PHE A 83 -15.30 2.47 -13.64
C PHE A 83 -13.82 2.80 -13.73
N LEU A 84 -13.01 1.83 -14.17
CA LEU A 84 -11.57 2.04 -14.20
C LEU A 84 -11.17 3.13 -15.18
N GLY A 85 -11.93 3.30 -16.26
CA GLY A 85 -11.65 4.40 -17.17
C GLY A 85 -11.91 5.76 -16.53
N ARG A 86 -12.99 5.86 -15.74
CA ARG A 86 -13.27 7.10 -15.05
C ARG A 86 -12.33 7.32 -13.87
N TYR A 87 -11.90 6.23 -13.23
CA TYR A 87 -10.91 6.35 -12.16
C TYR A 87 -9.60 6.93 -12.69
N MET A 88 -9.17 6.47 -13.87
CA MET A 88 -7.92 6.97 -14.44
C MET A 88 -8.03 8.43 -14.86
N SER A 89 -9.21 8.85 -15.36
CA SER A 89 -9.37 10.24 -15.77
C SER A 89 -9.30 11.17 -14.57
N ALA A 90 -9.95 10.81 -13.46
CA ALA A 90 -9.88 11.64 -12.27
C ALA A 90 -8.47 11.62 -11.66
N LEU A 91 -7.79 10.47 -11.75
CA LEU A 91 -6.47 10.35 -11.17
C LEU A 91 -5.45 11.24 -11.86
N ASN A 92 -5.63 11.51 -13.16
CA ASN A 92 -4.75 12.44 -13.87
C ASN A 92 -4.71 13.78 -13.17
N HIS A 93 -5.86 14.26 -12.69
CA HIS A 93 -5.94 15.57 -12.05
C HIS A 93 -5.63 15.50 -10.55
N THR A 94 -6.07 14.44 -9.87
CA THR A 94 -5.90 14.39 -8.41
C THR A 94 -4.44 14.21 -8.02
N LYS A 95 -3.62 13.62 -8.90
CA LYS A 95 -2.18 13.54 -8.63
C LYS A 95 -1.54 14.91 -8.50
N LYS A 96 -2.15 15.93 -9.12
CA LYS A 96 -1.62 17.29 -9.09
C LYS A 96 -2.10 18.08 -7.88
N TRP A 97 -3.02 17.54 -7.09
CA TRP A 97 -3.48 18.23 -5.90
C TRP A 97 -2.46 18.12 -4.77
N LYS A 98 -2.56 19.03 -3.81
CA LYS A 98 -1.73 19.03 -2.62
C LYS A 98 -2.57 18.65 -1.41
N PHE A 99 -2.02 17.77 -0.56
CA PHE A 99 -2.72 17.24 0.61
C PHE A 99 -1.94 17.62 1.86
N PRO A 100 -2.13 18.84 2.38
CA PRO A 100 -1.40 19.25 3.57
C PRO A 100 -2.06 18.76 4.84
N GLN A 101 -1.23 18.57 5.86
CA GLN A 101 -1.72 18.25 7.20
C GLN A 101 -2.27 19.51 7.85
N VAL A 102 -3.53 19.44 8.31
CA VAL A 102 -4.20 20.59 8.92
C VAL A 102 -4.90 20.10 10.18
N GLY A 103 -4.46 20.60 11.34
CA GLY A 103 -5.06 20.20 12.60
C GLY A 103 -4.95 18.72 12.91
N GLY A 104 -3.91 18.06 12.40
CA GLY A 104 -3.72 16.65 12.61
C GLY A 104 -4.34 15.74 11.57
N LEU A 105 -5.10 16.30 10.63
CA LEU A 105 -5.80 15.52 9.61
C LEU A 105 -5.30 15.92 8.22
N THR A 106 -5.40 14.99 7.29
CA THR A 106 -5.06 15.26 5.89
C THR A 106 -6.20 16.01 5.23
N SER A 107 -5.92 17.18 4.70
CA SER A 107 -6.89 18.00 3.98
C SER A 107 -6.53 18.05 2.50
N ILE A 108 -7.29 18.83 1.74
CA ILE A 108 -7.04 19.02 0.32
C ILE A 108 -6.97 20.52 0.04
N LYS A 109 -5.86 20.96 -0.54
CA LYS A 109 -5.73 22.35 -0.92
C LYS A 109 -6.68 22.69 -2.06
N TRP A 110 -7.20 23.91 -2.04
CA TRP A 110 -8.26 24.32 -2.97
C TRP A 110 -7.83 24.13 -4.42
N ALA A 111 -8.67 23.45 -5.19
CA ALA A 111 -8.51 23.27 -6.63
C ALA A 111 -9.68 22.48 -7.20
N ASP A 112 -10.13 22.83 -8.41
CA ASP A 112 -11.12 22.02 -9.15
C ASP A 112 -12.40 21.78 -8.35
N ASN A 113 -12.76 22.73 -7.49
CA ASN A 113 -13.99 22.64 -6.70
C ASN A 113 -14.00 21.41 -5.79
N ASN A 114 -12.85 21.13 -5.16
CA ASN A 114 -12.72 19.95 -4.32
C ASN A 114 -13.03 20.21 -2.85
N CYS A 115 -13.83 21.23 -2.55
CA CYS A 115 -14.15 21.53 -1.15
C CYS A 115 -15.08 20.50 -0.55
N TYR A 116 -15.99 19.93 -1.35
CA TYR A 116 -16.84 18.86 -0.84
C TYR A 116 -16.07 17.56 -0.67
N LEU A 117 -15.10 17.31 -1.55
CA LEU A 117 -14.21 16.17 -1.36
C LEU A 117 -13.32 16.37 -0.14
N SER A 118 -12.92 17.61 0.12
CA SER A 118 -12.11 17.90 1.30
C SER A 118 -12.88 17.61 2.58
N SER A 119 -14.18 17.93 2.59
CA SER A 119 -14.99 17.67 3.78
C SER A 119 -15.22 16.18 3.98
N VAL A 120 -15.30 15.40 2.89
CA VAL A 120 -15.46 13.96 3.00
C VAL A 120 -14.22 13.32 3.61
N LEU A 121 -13.05 13.63 3.04
CA LEU A 121 -11.81 13.05 3.54
C LEU A 121 -11.57 13.43 5.00
N LEU A 122 -11.89 14.67 5.37
CA LEU A 122 -11.68 15.11 6.75
C LEU A 122 -12.63 14.37 7.70
N ALA A 123 -13.91 14.26 7.33
CA ALA A 123 -14.87 13.59 8.20
C ALA A 123 -14.53 12.12 8.38
N LEU A 124 -14.05 11.47 7.32
CA LEU A 124 -13.72 10.05 7.40
C LEU A 124 -12.63 9.78 8.42
N GLN A 125 -11.63 10.66 8.49
CA GLN A 125 -10.48 10.44 9.37
C GLN A 125 -10.83 10.55 10.86
N GLN A 126 -12.06 10.95 11.19
CA GLN A 126 -12.51 11.03 12.58
C GLN A 126 -13.54 9.97 12.92
N LEU A 127 -13.80 9.03 12.02
CA LEU A 127 -14.80 7.99 12.22
C LEU A 127 -14.13 6.63 12.26
N GLU A 128 -14.67 5.73 13.09
CA GLU A 128 -14.18 4.36 13.17
C GLU A 128 -14.93 3.52 12.13
N VAL A 129 -14.49 3.65 10.87
CA VAL A 129 -15.11 2.91 9.78
C VAL A 129 -14.02 2.23 8.96
N LYS A 130 -14.38 1.06 8.42
CA LYS A 130 -13.54 0.33 7.49
C LYS A 130 -14.28 0.19 6.17
N PHE A 131 -13.53 -0.06 5.10
CA PHE A 131 -14.08 -0.21 3.77
C PHE A 131 -14.00 -1.67 3.34
N ASN A 132 -15.13 -2.19 2.84
CA ASN A 132 -15.16 -3.57 2.37
C ASN A 132 -14.45 -3.74 1.03
N ALA A 133 -14.48 -2.71 0.20
CA ALA A 133 -13.75 -2.75 -1.08
C ALA A 133 -12.27 -2.60 -0.81
N PRO A 134 -11.44 -3.59 -1.17
CA PRO A 134 -10.00 -3.47 -0.89
C PRO A 134 -9.34 -2.27 -1.56
N ALA A 135 -9.86 -1.82 -2.71
CA ALA A 135 -9.29 -0.65 -3.37
C ALA A 135 -9.51 0.61 -2.53
N LEU A 136 -10.69 0.73 -1.92
CA LEU A 136 -10.97 1.88 -1.07
C LEU A 136 -10.14 1.85 0.20
N GLN A 137 -9.93 0.66 0.76
CA GLN A 137 -9.21 0.55 2.03
C GLN A 137 -7.73 0.89 1.86
N GLU A 138 -7.09 0.34 0.83
CA GLU A 138 -5.69 0.65 0.58
C GLU A 138 -5.50 2.13 0.26
N ALA A 139 -6.37 2.70 -0.57
CA ALA A 139 -6.25 4.10 -0.91
C ALA A 139 -6.53 5.00 0.29
N TYR A 140 -7.36 4.54 1.23
CA TYR A 140 -7.63 5.33 2.42
C TYR A 140 -6.43 5.35 3.36
N TYR A 141 -5.75 4.21 3.51
CA TYR A 141 -4.55 4.17 4.34
C TYR A 141 -3.49 5.11 3.82
N ARG A 142 -3.29 5.14 2.49
CA ARG A 142 -2.37 6.10 1.90
C ARG A 142 -2.87 7.53 2.06
N ALA A 143 -4.19 7.71 2.17
CA ALA A 143 -4.74 9.06 2.28
C ALA A 143 -4.43 9.68 3.64
N ARG A 144 -4.47 8.88 4.70
CA ARG A 144 -4.12 9.40 6.03
C ARG A 144 -2.66 9.79 6.14
N ALA A 145 -1.82 9.37 5.20
CA ALA A 145 -0.41 9.71 5.19
C ALA A 145 -0.09 10.82 4.19
N GLY A 146 -1.07 11.67 3.90
CA GLY A 146 -0.86 12.76 2.95
C GLY A 146 -0.74 12.35 1.51
N ASP A 147 -1.07 11.11 1.18
CA ASP A 147 -0.98 10.58 -0.18
C ASP A 147 -2.39 10.15 -0.61
N ALA A 148 -3.26 11.15 -0.85
CA ALA A 148 -4.67 10.91 -1.08
C ALA A 148 -5.08 11.03 -2.54
N ALA A 149 -4.13 11.02 -3.47
CA ALA A 149 -4.47 11.15 -4.89
C ALA A 149 -5.35 9.99 -5.35
N ASN A 150 -4.96 8.76 -5.00
CA ASN A 150 -5.75 7.60 -5.40
C ASN A 150 -7.12 7.60 -4.73
N PHE A 151 -7.16 7.92 -3.44
CA PHE A 151 -8.43 7.88 -2.70
C PHE A 151 -9.43 8.87 -3.27
N CYS A 152 -8.98 10.08 -3.60
CA CYS A 152 -9.88 11.08 -4.16
C CYS A 152 -10.39 10.66 -5.53
N ALA A 153 -9.52 10.09 -6.37
CA ALA A 153 -9.95 9.63 -7.68
C ALA A 153 -10.94 8.48 -7.57
N LEU A 154 -10.75 7.60 -6.58
CA LEU A 154 -11.72 6.53 -6.36
C LEU A 154 -13.06 7.07 -5.90
N ILE A 155 -13.04 8.06 -4.99
CA ILE A 155 -14.29 8.67 -4.53
C ILE A 155 -15.05 9.26 -5.71
N LEU A 156 -14.34 9.92 -6.63
CA LEU A 156 -15.00 10.48 -7.81
C LEU A 156 -15.53 9.38 -8.72
N ALA A 157 -14.85 8.23 -8.78
CA ALA A 157 -15.30 7.15 -9.64
C ALA A 157 -16.54 6.46 -9.08
N TYR A 158 -16.54 6.18 -7.78
CA TYR A 158 -17.72 5.57 -7.16
C TYR A 158 -18.93 6.50 -7.15
N SER A 159 -18.72 7.81 -7.19
CA SER A 159 -19.80 8.78 -7.16
C SER A 159 -20.25 9.22 -8.54
N ASN A 160 -19.61 8.72 -9.61
CA ASN A 160 -19.90 9.15 -10.98
C ASN A 160 -19.77 10.66 -11.12
N LYS A 161 -18.75 11.23 -10.49
CA LYS A 161 -18.42 12.63 -10.60
C LYS A 161 -17.07 12.78 -11.29
N THR A 162 -16.88 13.91 -11.96
CA THR A 162 -15.62 14.22 -12.62
C THR A 162 -14.95 15.38 -11.93
N VAL A 163 -13.64 15.53 -12.21
CA VAL A 163 -12.88 16.64 -11.64
C VAL A 163 -13.45 17.96 -12.14
N GLY A 164 -13.68 18.89 -11.20
CA GLY A 164 -14.22 20.19 -11.51
C GLY A 164 -15.70 20.34 -11.23
N GLU A 165 -16.43 19.24 -11.12
CA GLU A 165 -17.85 19.31 -10.84
C GLU A 165 -18.10 19.74 -9.40
N LEU A 166 -19.09 20.62 -9.21
CA LEU A 166 -19.59 20.88 -7.88
C LEU A 166 -20.24 19.61 -7.32
N GLY A 167 -20.18 19.46 -5.99
CA GLY A 167 -20.59 18.22 -5.38
C GLY A 167 -21.34 18.43 -4.08
N ASP A 168 -21.96 17.34 -3.63
CA ASP A 168 -22.72 17.29 -2.38
C ASP A 168 -21.99 16.35 -1.43
N VAL A 169 -21.68 16.85 -0.23
CA VAL A 169 -20.91 16.06 0.73
C VAL A 169 -21.69 14.81 1.16
N ARG A 170 -22.93 15.00 1.58
CA ARG A 170 -23.73 13.89 2.08
C ARG A 170 -23.97 12.84 1.01
N GLU A 171 -24.26 13.28 -0.23
CA GLU A 171 -24.40 12.34 -1.33
C GLU A 171 -23.13 11.54 -1.53
N THR A 172 -21.98 12.21 -1.51
CA THR A 172 -20.70 11.52 -1.66
C THR A 172 -20.49 10.51 -0.54
N MET A 173 -20.78 10.90 0.70
CA MET A 173 -20.69 9.97 1.82
C MET A 173 -21.58 8.76 1.60
N THR A 174 -22.78 8.97 1.06
CA THR A 174 -23.71 7.87 0.84
C THR A 174 -23.12 6.81 -0.08
N HIS A 175 -22.46 7.23 -1.17
CA HIS A 175 -21.86 6.28 -2.09
C HIS A 175 -20.75 5.48 -1.42
N LEU A 176 -19.89 6.14 -0.66
CA LEU A 176 -18.75 5.45 -0.06
C LEU A 176 -19.17 4.57 1.10
N LEU A 177 -20.20 4.96 1.84
CA LEU A 177 -20.66 4.14 2.96
C LEU A 177 -21.34 2.85 2.50
N GLN A 178 -21.74 2.77 1.23
CA GLN A 178 -22.21 1.50 0.69
C GLN A 178 -21.11 0.45 0.70
N HIS A 179 -19.86 0.88 0.55
CA HIS A 179 -18.71 0.00 0.61
C HIS A 179 -18.04 -0.02 1.98
N ALA A 180 -18.69 0.55 2.99
CA ALA A 180 -18.17 0.54 4.35
C ALA A 180 -18.67 -0.69 5.11
N ASN A 181 -18.01 -0.98 6.23
CA ASN A 181 -18.35 -2.15 7.04
C ASN A 181 -19.34 -1.71 8.12
N LEU A 182 -20.59 -1.52 7.71
CA LEU A 182 -21.68 -1.15 8.60
C LEU A 182 -22.66 -2.30 8.79
N GLU A 183 -22.16 -3.54 8.78
CA GLU A 183 -23.02 -4.70 8.91
C GLU A 183 -23.67 -4.79 10.29
N SER A 184 -22.95 -4.37 11.33
CA SER A 184 -23.48 -4.40 12.69
C SER A 184 -24.24 -3.15 13.06
N ALA A 185 -24.42 -2.21 12.13
CA ALA A 185 -25.13 -0.97 12.44
C ALA A 185 -26.63 -1.24 12.54
N LYS A 186 -27.21 -0.90 13.68
CA LYS A 186 -28.63 -1.13 13.93
C LYS A 186 -29.27 0.14 14.50
N ARG A 187 -30.46 0.46 14.01
CA ARG A 187 -31.21 1.62 14.46
C ARG A 187 -32.69 1.26 14.53
N VAL A 188 -33.32 1.59 15.66
CA VAL A 188 -34.74 1.29 15.89
C VAL A 188 -35.46 2.62 16.11
N LEU A 189 -36.50 2.86 15.32
CA LEU A 189 -37.28 4.09 15.40
C LEU A 189 -38.72 3.76 15.73
N ASN A 190 -39.34 4.61 16.56
CA ASN A 190 -40.75 4.50 16.89
C ASN A 190 -41.51 5.68 16.30
N VAL A 191 -42.68 5.39 15.72
CA VAL A 191 -43.58 6.40 15.18
C VAL A 191 -44.83 6.38 16.04
N VAL A 192 -44.98 7.38 16.90
CA VAL A 192 -46.09 7.45 17.84
C VAL A 192 -47.13 8.40 17.27
N CYS A 193 -48.25 7.84 16.81
CA CYS A 193 -49.42 8.61 16.44
C CYS A 193 -50.50 8.41 17.49
N LYS A 194 -51.16 9.50 17.87
CA LYS A 194 -52.19 9.39 18.90
C LYS A 194 -53.43 8.67 18.39
N HIS A 195 -53.62 8.61 17.07
CA HIS A 195 -54.67 7.80 16.48
C HIS A 195 -54.18 6.39 16.17
N CYS A 196 -53.13 6.27 15.36
CA CYS A 196 -52.64 4.97 14.91
C CYS A 196 -51.50 4.48 15.81
N GLY A 197 -51.83 4.36 17.10
CA GLY A 197 -50.97 3.75 18.11
C GLY A 197 -49.48 4.00 18.01
N GLN A 198 -48.71 2.93 17.87
CA GLN A 198 -47.26 3.00 17.81
C GLN A 198 -46.76 2.08 16.70
N LYS A 199 -45.58 2.40 16.17
CA LYS A 199 -45.02 1.66 15.06
C LYS A 199 -43.50 1.63 15.19
N THR A 200 -42.92 0.45 14.97
CA THR A 200 -41.50 0.22 15.13
C THR A 200 -40.89 -0.22 13.81
N THR A 201 -39.77 0.40 13.43
CA THR A 201 -39.02 0.04 12.25
C THR A 201 -37.54 -0.07 12.61
N THR A 202 -36.89 -1.13 12.13
CA THR A 202 -35.47 -1.34 12.34
C THR A 202 -34.73 -1.06 11.04
N LEU A 203 -33.70 -0.23 11.11
CA LEU A 203 -32.86 0.09 9.97
C LEU A 203 -31.46 -0.46 10.18
N THR A 204 -30.84 -0.88 9.08
CA THR A 204 -29.51 -1.46 9.11
C THR A 204 -28.65 -0.86 8.01
N GLY A 205 -27.33 -0.96 8.18
CA GLY A 205 -26.42 -0.47 7.16
C GLY A 205 -26.33 1.05 7.16
N VAL A 206 -26.25 1.61 5.95
CA VAL A 206 -26.11 3.05 5.80
C VAL A 206 -27.35 3.78 6.30
N GLU A 207 -28.53 3.18 6.14
CA GLU A 207 -29.76 3.80 6.62
C GLU A 207 -29.80 3.90 8.15
N ALA A 208 -28.98 3.09 8.85
CA ALA A 208 -28.98 3.12 10.30
C ALA A 208 -28.12 4.24 10.87
N VAL A 209 -27.19 4.79 10.08
CA VAL A 209 -26.28 5.80 10.58
C VAL A 209 -26.55 7.18 9.99
N MET A 210 -27.25 7.29 8.87
CA MET A 210 -27.56 8.57 8.26
C MET A 210 -29.02 8.94 8.50
N TYR A 211 -29.28 10.24 8.61
CA TYR A 211 -30.62 10.76 8.82
C TYR A 211 -30.71 12.13 8.16
N MET A 212 -31.86 12.40 7.55
CA MET A 212 -32.13 13.67 6.87
C MET A 212 -33.35 14.31 7.51
N GLY A 213 -33.16 15.49 8.09
CA GLY A 213 -34.25 16.20 8.73
C GLY A 213 -33.77 17.27 9.70
N THR A 214 -32.99 16.87 10.69
CA THR A 214 -32.48 17.77 11.70
C THR A 214 -30.98 17.54 11.89
N LEU A 215 -30.29 18.58 12.34
CA LEU A 215 -28.87 18.48 12.67
C LEU A 215 -28.65 18.00 14.11
N SER A 216 -29.67 18.08 14.95
CA SER A 216 -29.53 17.76 16.37
C SER A 216 -29.76 16.27 16.59
N TYR A 217 -28.76 15.61 17.19
CA TYR A 217 -28.94 14.21 17.59
C TYR A 217 -29.99 14.10 18.68
N ASP A 218 -30.05 15.07 19.58
CA ASP A 218 -31.02 15.04 20.67
C ASP A 218 -32.44 15.18 20.15
N ASN A 219 -32.65 15.96 19.08
CA ASN A 219 -33.96 16.06 18.47
C ASN A 219 -34.47 14.69 18.06
N LEU A 220 -33.59 13.85 17.51
CA LEU A 220 -33.98 12.50 17.13
C LEU A 220 -34.31 11.65 18.36
N LYS A 221 -33.65 11.92 19.50
CA LYS A 221 -33.84 11.09 20.68
C LYS A 221 -35.09 11.49 21.47
N THR A 222 -35.48 12.76 21.43
CA THR A 222 -36.65 13.21 22.15
C THR A 222 -37.92 13.20 21.30
N GLY A 223 -37.80 13.48 20.01
CA GLY A 223 -38.95 13.49 19.14
C GLY A 223 -38.79 14.36 17.90
N VAL A 224 -39.12 13.78 16.74
CA VAL A 224 -39.15 14.49 15.47
C VAL A 224 -40.56 14.40 14.92
N SER A 225 -41.14 15.54 14.55
CA SER A 225 -42.48 15.56 13.98
C SER A 225 -42.43 15.03 12.55
N ILE A 226 -43.13 13.93 12.30
CA ILE A 226 -43.15 13.27 10.99
C ILE A 226 -44.59 13.17 10.51
N PRO A 227 -44.86 13.34 9.22
CA PRO A 227 -46.20 13.08 8.70
C PRO A 227 -46.65 11.66 9.03
N CYS A 228 -47.97 11.48 9.11
CA CYS A 228 -48.57 10.17 9.27
C CYS A 228 -49.35 9.82 8.03
N VAL A 229 -49.28 8.55 7.62
CA VAL A 229 -49.98 8.10 6.42
C VAL A 229 -51.47 8.29 6.57
N CYS A 230 -52.00 8.20 7.81
CA CYS A 230 -53.43 8.34 8.01
C CYS A 230 -53.91 9.77 7.78
N GLY A 231 -53.06 10.76 8.07
CA GLY A 231 -53.45 12.15 7.86
C GLY A 231 -52.95 13.09 8.93
N ARG A 232 -52.75 12.59 10.14
CA ARG A 232 -52.25 13.40 11.24
C ARG A 232 -50.76 13.68 11.03
N ASP A 233 -50.12 14.18 12.08
CA ASP A 233 -48.66 14.25 12.17
C ASP A 233 -48.23 13.52 13.43
N ALA A 234 -47.34 12.55 13.28
CA ALA A 234 -46.84 11.75 14.38
C ALA A 234 -45.42 12.18 14.74
N THR A 235 -44.91 11.61 15.82
CA THR A 235 -43.58 11.93 16.31
C THR A 235 -42.68 10.71 16.22
N GLN A 236 -41.53 10.87 15.58
CA GLN A 236 -40.54 9.81 15.45
C GLN A 236 -39.43 10.05 16.47
N TYR A 237 -39.03 8.98 17.16
CA TYR A 237 -37.96 9.10 18.14
C TYR A 237 -37.12 7.83 18.15
N LEU A 238 -35.86 8.00 18.53
CA LEU A 238 -34.89 6.91 18.49
C LEU A 238 -35.06 5.99 19.70
N VAL A 239 -35.12 4.69 19.44
CA VAL A 239 -35.29 3.69 20.49
C VAL A 239 -33.96 3.00 20.81
N GLN A 240 -33.23 2.57 19.78
CA GLN A 240 -31.96 1.87 19.97
C GLN A 240 -31.04 2.22 18.81
N GLN A 241 -29.78 2.47 19.13
CA GLN A 241 -28.77 2.78 18.12
C GLN A 241 -27.47 2.05 18.47
N GLU A 242 -26.94 1.29 17.53
CA GLU A 242 -25.70 0.54 17.71
C GLU A 242 -24.81 0.79 16.49
N SER A 243 -23.90 1.74 16.60
CA SER A 243 -22.95 2.07 15.54
C SER A 243 -21.84 2.90 16.15
N SER A 244 -20.74 3.04 15.40
CA SER A 244 -19.62 3.84 15.86
C SER A 244 -19.83 5.33 15.64
N PHE A 245 -20.84 5.72 14.86
CA PHE A 245 -21.11 7.13 14.59
C PHE A 245 -22.51 7.25 14.02
N VAL A 246 -23.02 8.49 14.05
CA VAL A 246 -24.25 8.84 13.35
C VAL A 246 -24.01 10.14 12.61
N MET A 247 -24.77 10.35 11.53
CA MET A 247 -24.63 11.53 10.69
C MET A 247 -26.00 12.18 10.53
N MET A 248 -26.17 13.35 11.12
CA MET A 248 -27.41 14.13 11.01
C MET A 248 -27.26 15.18 9.93
N SER A 249 -28.28 15.31 9.09
CA SER A 249 -28.26 16.27 7.99
C SER A 249 -29.56 17.04 7.94
N ALA A 250 -29.52 18.17 7.25
CA ALA A 250 -30.66 19.05 7.06
C ALA A 250 -30.29 20.11 6.02
N PRO A 251 -31.27 20.70 5.35
CA PRO A 251 -30.99 21.82 4.45
C PRO A 251 -30.22 22.90 5.17
N PRO A 252 -29.25 23.53 4.50
CA PRO A 252 -28.34 24.45 5.20
C PRO A 252 -29.09 25.53 5.94
N ALA A 253 -29.08 25.44 7.26
CA ALA A 253 -29.65 26.47 8.12
C ALA A 253 -28.60 26.90 9.13
N GLU A 254 -28.86 28.06 9.73
CA GLU A 254 -27.88 28.66 10.62
C GLU A 254 -27.95 28.00 12.00
N TYR A 255 -26.80 27.56 12.51
CA TYR A 255 -26.81 26.61 13.61
C TYR A 255 -25.60 26.87 14.50
N LYS A 256 -25.79 26.65 15.81
CA LYS A 256 -24.77 26.93 16.82
C LYS A 256 -24.11 25.63 17.25
N LEU A 257 -22.81 25.50 16.93
CA LEU A 257 -22.02 24.34 17.30
C LEU A 257 -21.30 24.61 18.62
N GLN A 258 -21.50 23.73 19.59
CA GLN A 258 -20.87 23.82 20.90
C GLN A 258 -19.81 22.75 21.04
N GLN A 259 -18.69 23.09 21.68
CA GLN A 259 -17.66 22.10 21.92
C GLN A 259 -18.17 21.03 22.89
N GLY A 260 -17.64 19.81 22.72
CA GLY A 260 -18.02 18.71 23.58
C GLY A 260 -19.41 18.17 23.36
N THR A 261 -20.09 18.57 22.29
CA THR A 261 -21.41 18.06 21.97
C THR A 261 -21.46 17.36 20.61
N PHE A 262 -20.37 17.35 19.86
CA PHE A 262 -20.37 16.73 18.53
C PHE A 262 -18.94 16.37 18.17
N LEU A 263 -18.82 15.52 17.15
CA LEU A 263 -17.52 15.07 16.66
C LEU A 263 -16.97 16.05 15.62
N CYS A 264 -17.69 16.22 14.50
CA CYS A 264 -17.30 17.16 13.46
C CYS A 264 -18.56 17.55 12.70
N ALA A 265 -18.40 18.51 11.77
CA ALA A 265 -19.55 19.01 11.05
C ALA A 265 -19.09 19.67 9.75
N ASN A 266 -20.04 19.87 8.85
CA ASN A 266 -19.83 20.56 7.58
C ASN A 266 -20.79 21.73 7.49
N GLU A 267 -20.31 22.87 7.00
CA GLU A 267 -21.13 24.03 6.80
C GLU A 267 -21.11 24.43 5.33
N TYR A 268 -22.16 25.14 4.91
CA TYR A 268 -22.41 25.43 3.50
C TYR A 268 -22.87 26.87 3.37
N THR A 269 -22.05 27.70 2.72
CA THR A 269 -22.39 29.09 2.43
C THR A 269 -22.75 29.22 0.95
N GLY A 270 -23.90 29.82 0.68
CA GLY A 270 -24.38 29.95 -0.69
C GLY A 270 -25.76 29.37 -0.88
N ASN A 271 -26.15 29.15 -2.13
CA ASN A 271 -27.46 28.61 -2.45
C ASN A 271 -27.30 27.28 -3.20
N TYR A 272 -28.42 26.75 -3.69
CA TYR A 272 -28.44 25.45 -4.33
C TYR A 272 -27.92 25.47 -5.76
N GLN A 273 -27.43 26.61 -6.25
CA GLN A 273 -26.77 26.66 -7.54
C GLN A 273 -25.25 26.75 -7.43
N CYS A 274 -24.74 27.30 -6.34
CA CYS A 274 -23.30 27.38 -6.10
C CYS A 274 -23.05 27.70 -4.64
N GLY A 275 -22.11 26.98 -4.03
CA GLY A 275 -21.81 27.18 -2.62
C GLY A 275 -20.39 26.74 -2.30
N HIS A 276 -20.06 26.81 -1.01
CA HIS A 276 -18.72 26.49 -0.54
C HIS A 276 -18.81 25.73 0.77
N TYR A 277 -18.08 24.62 0.87
CA TYR A 277 -17.99 23.82 2.07
C TYR A 277 -16.75 24.17 2.88
N THR A 278 -16.90 24.22 4.20
CA THR A 278 -15.78 24.16 5.12
C THR A 278 -16.12 23.18 6.24
N HIS A 279 -15.09 22.62 6.84
CA HIS A 279 -15.22 21.55 7.83
C HIS A 279 -14.91 22.09 9.22
N ILE A 280 -15.71 21.67 10.20
CA ILE A 280 -15.52 22.05 11.60
C ILE A 280 -15.39 20.78 12.42
N THR A 281 -14.24 20.61 13.08
CA THR A 281 -14.02 19.51 14.00
C THR A 281 -13.83 20.06 15.41
N ALA A 282 -13.88 19.17 16.39
CA ALA A 282 -13.80 19.53 17.80
C ALA A 282 -12.63 18.81 18.44
N LYS A 283 -11.56 19.54 18.72
CA LYS A 283 -10.46 19.03 19.53
C LYS A 283 -10.39 19.81 20.83
N GLU A 284 -9.21 20.37 21.15
CA GLU A 284 -9.11 21.23 22.33
C GLU A 284 -10.06 22.41 22.20
N THR A 285 -10.24 22.92 20.99
CA THR A 285 -11.19 23.98 20.69
C THR A 285 -11.80 23.67 19.33
N LEU A 286 -12.75 24.49 18.90
CA LEU A 286 -13.35 24.30 17.59
C LEU A 286 -12.34 24.64 16.49
N TYR A 287 -12.07 23.67 15.63
CA TYR A 287 -11.21 23.86 14.46
C TYR A 287 -12.08 24.07 13.23
N ARG A 288 -11.72 25.04 12.40
CA ARG A 288 -12.35 25.22 11.10
C ARG A 288 -11.30 25.03 10.04
N ILE A 289 -11.53 24.07 9.15
CA ILE A 289 -10.57 23.67 8.14
C ILE A 289 -11.18 23.99 6.79
N ASP A 290 -10.65 25.03 6.14
CA ASP A 290 -11.12 25.48 4.83
C ASP A 290 -10.00 25.22 3.83
N GLY A 291 -9.98 24.01 3.29
CA GLY A 291 -8.90 23.60 2.41
C GLY A 291 -7.58 23.49 3.15
N ALA A 292 -6.61 24.31 2.77
CA ALA A 292 -5.32 24.35 3.44
C ALA A 292 -5.31 25.28 4.64
N HIS A 293 -6.40 25.97 4.91
CA HIS A 293 -6.46 27.00 5.95
C HIS A 293 -7.05 26.43 7.23
N LEU A 294 -6.43 26.78 8.35
CA LEU A 294 -6.92 26.39 9.66
C LEU A 294 -7.31 27.63 10.45
N THR A 295 -8.38 27.52 11.22
CA THR A 295 -8.84 28.61 12.06
C THR A 295 -9.42 28.04 13.34
N LYS A 296 -8.92 28.50 14.47
CA LYS A 296 -9.44 28.11 15.77
C LYS A 296 -10.41 29.16 16.29
N MET A 297 -11.30 28.74 17.18
CA MET A 297 -12.39 29.57 17.68
C MET A 297 -13.02 28.90 18.88
N SER A 298 -13.57 29.72 19.77
CA SER A 298 -14.31 29.20 20.91
C SER A 298 -15.73 28.82 20.51
N GLU A 299 -16.46 29.75 19.91
CA GLU A 299 -17.83 29.53 19.49
C GLU A 299 -17.90 29.42 17.96
N TYR A 300 -18.94 28.75 17.47
CA TYR A 300 -19.24 28.77 16.05
C TYR A 300 -20.74 28.78 15.85
N LYS A 301 -21.21 29.62 14.94
CA LYS A 301 -22.62 29.72 14.64
C LYS A 301 -22.75 30.17 13.19
N GLY A 302 -23.08 29.22 12.31
CA GLY A 302 -23.10 29.44 10.89
C GLY A 302 -24.02 28.45 10.20
N PRO A 303 -23.97 28.44 8.86
CA PRO A 303 -24.90 27.61 8.09
C PRO A 303 -24.46 26.15 7.99
N VAL A 304 -24.85 25.33 8.96
CA VAL A 304 -24.42 23.93 9.04
C VAL A 304 -25.41 23.06 8.29
N THR A 305 -24.89 22.04 7.59
CA THR A 305 -25.71 21.10 6.85
C THR A 305 -25.48 19.65 7.22
N ASP A 306 -24.32 19.29 7.76
CA ASP A 306 -24.03 17.94 8.23
C ASP A 306 -23.36 18.01 9.59
N VAL A 307 -23.77 17.14 10.50
CA VAL A 307 -23.15 17.05 11.82
C VAL A 307 -22.94 15.57 12.16
N PHE A 308 -21.74 15.22 12.60
CA PHE A 308 -21.40 13.86 12.98
C PHE A 308 -21.30 13.75 14.50
N TYR A 309 -21.64 12.58 15.02
CA TYR A 309 -21.60 12.32 16.45
C TYR A 309 -20.98 10.95 16.71
N LYS A 310 -20.10 10.88 17.71
CA LYS A 310 -19.59 9.60 18.15
C LYS A 310 -20.69 8.80 18.84
N GLU A 311 -20.58 7.48 18.79
CA GLU A 311 -21.63 6.61 19.30
C GLU A 311 -21.07 5.22 19.51
N THR A 312 -21.64 4.51 20.48
CA THR A 312 -21.37 3.09 20.67
C THR A 312 -22.68 2.33 20.81
N SER A 313 -23.47 2.67 21.83
CA SER A 313 -24.75 2.04 22.08
C SER A 313 -25.63 3.01 22.86
N TYR A 314 -26.84 3.24 22.35
CA TYR A 314 -27.80 4.12 23.00
C TYR A 314 -29.14 3.43 23.09
N THR A 315 -29.72 3.42 24.29
CA THR A 315 -31.05 2.89 24.53
C THR A 315 -31.92 4.01 25.10
N THR A 316 -33.14 4.13 24.57
CA THR A 316 -34.03 5.21 24.97
C THR A 316 -34.49 5.03 26.42
N THR A 317 -34.82 6.15 27.04
CA THR A 317 -35.43 6.17 28.37
C THR A 317 -36.94 6.36 28.29
N ILE A 318 -37.51 6.30 27.09
CA ILE A 318 -38.92 6.62 26.85
C ILE A 318 -39.73 5.34 26.76
N LYS A 319 -40.96 5.39 27.27
CA LYS A 319 -41.98 4.40 26.94
C LYS A 319 -43.36 4.94 27.32
N THR B 8 29.27 -38.93 -33.55
CA THR B 8 29.21 -37.81 -32.61
C THR B 8 28.05 -36.88 -32.97
N ILE B 9 27.86 -35.83 -32.18
CA ILE B 9 26.70 -34.96 -32.31
C ILE B 9 27.11 -33.50 -32.12
N LYS B 10 26.38 -32.61 -32.79
CA LYS B 10 26.53 -31.18 -32.56
C LYS B 10 25.90 -30.80 -31.23
N VAL B 11 26.34 -29.69 -30.65
CA VAL B 11 25.77 -29.22 -29.39
C VAL B 11 26.19 -27.78 -29.14
N PHE B 12 25.34 -27.07 -28.40
CA PHE B 12 25.56 -25.66 -28.09
C PHE B 12 26.06 -25.49 -26.66
N THR B 13 27.11 -24.70 -26.50
CA THR B 13 27.63 -24.31 -25.20
C THR B 13 27.45 -22.82 -25.02
N THR B 14 27.13 -22.40 -23.80
CA THR B 14 26.85 -21.00 -23.53
C THR B 14 27.41 -20.60 -22.19
N VAL B 15 27.53 -19.29 -22.02
CA VAL B 15 27.89 -18.69 -20.74
C VAL B 15 26.73 -17.92 -20.13
N ASP B 16 25.83 -17.37 -20.95
CA ASP B 16 24.75 -16.52 -20.49
C ASP B 16 23.38 -16.99 -20.99
N ASN B 17 23.31 -18.19 -21.57
CA ASN B 17 22.07 -18.77 -22.11
C ASN B 17 21.52 -17.95 -23.28
N THR B 18 22.36 -17.18 -23.96
CA THR B 18 21.96 -16.48 -25.18
C THR B 18 23.02 -16.68 -26.27
N ASN B 19 24.25 -16.30 -25.97
CA ASN B 19 25.36 -16.43 -26.92
C ASN B 19 25.74 -17.90 -27.01
N LEU B 20 25.23 -18.58 -28.03
CA LEU B 20 25.48 -20.01 -28.20
C LEU B 20 26.72 -20.24 -29.04
N HIS B 21 27.48 -21.27 -28.70
CA HIS B 21 28.70 -21.64 -29.40
C HIS B 21 28.57 -23.08 -29.88
N THR B 22 28.49 -23.25 -31.19
CA THR B 22 28.36 -24.58 -31.79
C THR B 22 29.56 -25.44 -31.44
N GLN B 23 29.31 -26.66 -30.99
CA GLN B 23 30.35 -27.59 -30.57
C GLN B 23 30.12 -28.94 -31.21
N LEU B 24 31.23 -29.61 -31.51
CA LEU B 24 31.21 -30.98 -32.05
C LEU B 24 31.69 -31.89 -30.92
N VAL B 25 30.77 -32.26 -30.04
CA VAL B 25 31.11 -33.01 -28.84
C VAL B 25 31.32 -34.48 -29.22
N ASP B 26 32.57 -34.95 -29.12
CA ASP B 26 32.89 -36.35 -29.36
C ASP B 26 32.05 -37.23 -28.44
N MET B 27 31.29 -38.13 -29.06
CA MET B 27 30.53 -39.14 -28.33
C MET B 27 31.44 -40.26 -27.81
N SER B 28 32.77 -40.10 -27.89
CA SER B 28 33.68 -41.09 -27.31
C SER B 28 34.43 -40.58 -26.08
N MET B 29 34.35 -39.29 -25.77
CA MET B 29 34.82 -38.74 -24.51
C MET B 29 33.66 -38.05 -23.81
N THR B 30 33.86 -37.69 -22.55
CA THR B 30 32.84 -37.00 -21.78
C THR B 30 33.07 -35.50 -21.75
N TYR B 31 32.01 -34.77 -21.40
CA TYR B 31 32.02 -33.31 -21.44
C TYR B 31 33.15 -32.72 -20.61
N GLY B 32 33.37 -33.26 -19.41
CA GLY B 32 34.48 -32.79 -18.59
C GLY B 32 35.83 -33.03 -19.25
N GLN B 33 36.00 -34.19 -19.89
CA GLN B 33 37.18 -34.42 -20.71
C GLN B 33 37.19 -33.54 -21.95
N GLN B 34 36.04 -32.96 -22.31
CA GLN B 34 35.92 -32.18 -23.55
C GLN B 34 35.87 -30.68 -23.33
N PHE B 35 35.10 -30.19 -22.35
CA PHE B 35 34.95 -28.77 -22.13
C PHE B 35 35.34 -28.31 -20.74
N GLY B 36 35.54 -29.21 -19.79
CA GLY B 36 35.61 -28.85 -18.39
C GLY B 36 34.27 -29.13 -17.75
N PRO B 37 34.05 -28.63 -16.53
CA PRO B 37 32.75 -28.84 -15.87
C PRO B 37 31.60 -28.32 -16.73
N THR B 38 30.63 -29.20 -16.98
CA THR B 38 29.54 -28.92 -17.90
C THR B 38 28.21 -29.21 -17.22
N TYR B 39 27.21 -28.37 -17.49
CA TYR B 39 25.89 -28.49 -16.89
C TYR B 39 24.84 -28.36 -17.99
N LEU B 40 24.02 -29.39 -18.16
CA LEU B 40 22.90 -29.30 -19.09
C LEU B 40 21.93 -28.22 -18.64
N ASP B 41 21.49 -28.29 -17.38
CA ASP B 41 20.64 -27.24 -16.79
C ASP B 41 20.71 -27.43 -15.27
N GLY B 42 21.72 -26.83 -14.67
CA GLY B 42 22.00 -27.08 -13.26
C GLY B 42 22.64 -28.43 -13.00
N ALA B 43 22.02 -29.49 -13.51
CA ALA B 43 22.57 -30.84 -13.35
C ALA B 43 23.96 -30.92 -13.97
N ASP B 44 24.90 -31.49 -13.21
CA ASP B 44 26.30 -31.56 -13.62
C ASP B 44 26.49 -32.79 -14.51
N VAL B 45 26.59 -32.55 -15.81
CA VAL B 45 26.89 -33.61 -16.77
C VAL B 45 28.39 -33.66 -17.09
N THR B 46 29.22 -33.14 -16.19
CA THR B 46 30.65 -32.97 -16.46
C THR B 46 31.28 -34.25 -16.97
N LYS B 47 31.24 -35.32 -16.16
CA LYS B 47 31.83 -36.59 -16.53
C LYS B 47 30.79 -37.60 -16.99
N ILE B 48 29.58 -37.12 -17.32
CA ILE B 48 28.66 -37.92 -18.11
C ILE B 48 29.13 -37.90 -19.55
N LYS B 49 29.25 -39.06 -20.11
CA LYS B 49 29.66 -39.20 -21.49
C LYS B 49 28.43 -39.03 -22.38
N PRO B 50 28.43 -38.08 -23.33
CA PRO B 50 27.16 -37.62 -23.91
C PRO B 50 26.23 -38.75 -24.31
N HIS B 51 24.94 -38.58 -24.02
CA HIS B 51 23.94 -39.47 -24.55
C HIS B 51 23.39 -38.91 -25.85
N VAL B 52 22.89 -39.81 -26.70
CA VAL B 52 22.47 -39.42 -28.03
C VAL B 52 21.27 -38.48 -28.00
N ASN B 53 20.48 -38.51 -26.91
CA ASN B 53 19.40 -37.55 -26.76
C ASN B 53 19.89 -36.14 -26.48
N HIS B 54 21.20 -35.92 -26.37
CA HIS B 54 21.68 -34.58 -26.00
C HIS B 54 21.57 -33.61 -27.17
N GLU B 55 21.48 -34.14 -28.40
CA GLU B 55 20.98 -33.47 -29.63
C GLU B 55 21.50 -32.04 -29.71
N GLY B 56 20.68 -31.07 -30.10
CA GLY B 56 21.07 -29.67 -30.10
C GLY B 56 20.66 -28.93 -28.85
N LYS B 57 20.63 -29.62 -27.71
CA LYS B 57 20.36 -28.94 -26.45
C LYS B 57 21.54 -28.05 -26.06
N THR B 58 21.26 -27.09 -25.18
CA THR B 58 22.24 -26.09 -24.78
C THR B 58 22.83 -26.44 -23.42
N PHE B 59 24.15 -26.43 -23.32
CA PHE B 59 24.87 -26.81 -22.11
C PHE B 59 25.61 -25.62 -21.54
N PHE B 60 25.62 -25.52 -20.22
CA PHE B 60 26.30 -24.44 -19.51
C PHE B 60 27.73 -24.89 -19.19
N VAL B 61 28.70 -24.25 -19.81
CA VAL B 61 30.10 -24.48 -19.50
C VAL B 61 30.62 -23.28 -18.71
N LEU B 62 31.63 -23.53 -17.88
CA LEU B 62 32.30 -22.44 -17.18
C LEU B 62 33.16 -21.64 -18.16
N PRO B 63 33.35 -20.34 -17.91
CA PRO B 63 34.07 -19.50 -18.88
C PRO B 63 35.53 -19.93 -19.00
N SER B 64 35.95 -20.22 -20.23
CA SER B 64 37.30 -20.64 -20.54
C SER B 64 38.11 -19.54 -21.23
N ASP B 65 37.55 -18.93 -22.26
CA ASP B 65 38.24 -18.03 -23.16
C ASP B 65 38.00 -16.57 -22.79
N ASP B 66 38.90 -15.69 -23.26
CA ASP B 66 38.80 -14.27 -22.97
C ASP B 66 37.45 -13.69 -23.41
N THR B 67 36.82 -14.28 -24.43
CA THR B 67 35.47 -13.85 -24.81
C THR B 67 34.42 -14.43 -23.88
N LEU B 68 34.69 -15.58 -23.26
CA LEU B 68 33.68 -16.29 -22.47
C LEU B 68 33.47 -15.71 -21.08
N ARG B 69 34.32 -14.77 -20.64
CA ARG B 69 34.03 -14.01 -19.42
C ARG B 69 34.02 -12.52 -19.65
N SER B 70 34.29 -12.04 -20.88
CA SER B 70 33.71 -10.77 -21.29
C SER B 70 32.21 -10.94 -21.48
N GLU B 71 31.80 -12.09 -22.03
CA GLU B 71 30.39 -12.44 -22.09
C GLU B 71 29.84 -12.80 -20.71
N ALA B 72 30.70 -13.28 -19.80
CA ALA B 72 30.24 -13.59 -18.45
C ALA B 72 30.21 -12.35 -17.57
N PHE B 73 31.24 -11.50 -17.67
CA PHE B 73 31.22 -10.25 -16.92
C PHE B 73 30.10 -9.34 -17.42
N GLU B 74 29.82 -9.36 -18.72
CA GLU B 74 28.74 -8.55 -19.27
C GLU B 74 27.40 -8.97 -18.68
N TYR B 75 27.19 -10.28 -18.52
CA TYR B 75 25.88 -10.78 -18.12
C TYR B 75 25.68 -10.74 -16.61
N TYR B 76 26.74 -11.02 -15.84
CA TYR B 76 26.62 -11.19 -14.40
C TYR B 76 27.26 -10.08 -13.58
N HIS B 77 28.04 -9.19 -14.21
CA HIS B 77 28.70 -8.07 -13.53
C HIS B 77 29.65 -8.52 -12.43
N THR B 78 30.10 -9.76 -12.45
CA THR B 78 30.99 -10.29 -11.42
C THR B 78 32.37 -10.56 -12.01
N LEU B 79 33.40 -10.14 -11.27
CA LEU B 79 34.77 -10.48 -11.61
C LEU B 79 35.18 -11.84 -11.06
N ASP B 80 34.36 -12.43 -10.20
CA ASP B 80 34.70 -13.68 -9.55
C ASP B 80 34.74 -14.82 -10.56
N GLU B 81 35.72 -15.72 -10.38
CA GLU B 81 35.84 -16.88 -11.24
C GLU B 81 34.92 -18.01 -10.77
N SER B 82 34.75 -18.15 -9.46
CA SER B 82 33.94 -19.23 -8.89
C SER B 82 32.45 -19.03 -9.08
N PHE B 83 32.02 -17.89 -9.63
CA PHE B 83 30.60 -17.55 -9.64
C PHE B 83 29.77 -18.58 -10.39
N LEU B 84 30.10 -18.82 -11.65
CA LEU B 84 29.29 -19.70 -12.48
C LEU B 84 29.20 -21.11 -11.90
N GLY B 85 30.25 -21.55 -11.20
CA GLY B 85 30.21 -22.86 -10.59
C GLY B 85 29.26 -22.93 -9.41
N ARG B 86 29.38 -21.96 -8.49
CA ARG B 86 28.49 -21.94 -7.33
C ARG B 86 27.04 -21.72 -7.74
N TYR B 87 26.80 -21.01 -8.84
CA TYR B 87 25.45 -20.71 -9.27
C TYR B 87 24.79 -21.95 -9.88
N MET B 88 25.51 -22.70 -10.71
CA MET B 88 24.94 -23.92 -11.27
C MET B 88 24.67 -24.96 -10.20
N SER B 89 25.48 -24.98 -9.13
CA SER B 89 25.23 -25.91 -8.04
C SER B 89 23.96 -25.56 -7.29
N ALA B 90 23.73 -24.27 -7.04
CA ALA B 90 22.47 -23.86 -6.43
C ALA B 90 21.31 -24.07 -7.38
N LEU B 91 21.53 -23.87 -8.67
CA LEU B 91 20.46 -24.07 -9.66
C LEU B 91 20.01 -25.52 -9.69
N ASN B 92 20.90 -26.46 -9.41
CA ASN B 92 20.53 -27.87 -9.40
C ASN B 92 19.51 -28.19 -8.31
N HIS B 93 19.44 -27.39 -7.25
CA HIS B 93 18.47 -27.58 -6.19
C HIS B 93 17.26 -26.66 -6.32
N THR B 94 17.47 -25.39 -6.69
CA THR B 94 16.35 -24.46 -6.82
C THR B 94 15.40 -24.87 -7.95
N LYS B 95 15.88 -25.64 -8.93
CA LYS B 95 15.01 -26.13 -9.98
C LYS B 95 13.97 -27.12 -9.46
N LYS B 96 14.21 -27.72 -8.30
CA LYS B 96 13.25 -28.63 -7.69
C LYS B 96 12.27 -27.92 -6.76
N TRP B 97 12.52 -26.66 -6.42
CA TRP B 97 11.61 -25.93 -5.56
C TRP B 97 10.32 -25.58 -6.29
N LYS B 98 9.24 -25.46 -5.53
CA LYS B 98 7.96 -24.99 -6.03
C LYS B 98 7.78 -23.52 -5.66
N PHE B 99 7.12 -22.78 -6.54
CA PHE B 99 6.94 -21.34 -6.38
C PHE B 99 5.46 -21.00 -6.56
N PRO B 100 4.65 -21.20 -5.52
CA PRO B 100 3.22 -20.89 -5.63
C PRO B 100 2.97 -19.40 -5.62
N GLN B 101 1.84 -19.02 -6.21
CA GLN B 101 1.37 -17.64 -6.17
C GLN B 101 0.51 -17.44 -4.93
N VAL B 102 0.97 -16.57 -4.03
CA VAL B 102 0.31 -16.36 -2.73
C VAL B 102 0.08 -14.86 -2.58
N GLY B 103 -1.18 -14.47 -2.46
CA GLY B 103 -1.52 -13.06 -2.31
C GLY B 103 -1.12 -12.20 -3.48
N GLY B 104 -1.01 -12.78 -4.68
CA GLY B 104 -0.59 -12.06 -5.86
C GLY B 104 0.90 -12.06 -6.10
N LEU B 105 1.69 -12.54 -5.15
CA LEU B 105 3.15 -12.54 -5.25
C LEU B 105 3.68 -13.96 -5.40
N THR B 106 4.89 -14.05 -5.94
CA THR B 106 5.58 -15.34 -6.04
C THR B 106 6.28 -15.63 -4.72
N SER B 107 5.91 -16.74 -4.09
CA SER B 107 6.55 -17.20 -2.87
C SER B 107 7.29 -18.51 -3.16
N ILE B 108 7.91 -19.06 -2.12
CA ILE B 108 8.67 -20.31 -2.25
C ILE B 108 8.09 -21.32 -1.27
N LYS B 109 7.69 -22.48 -1.80
CA LYS B 109 7.26 -23.58 -0.95
C LYS B 109 8.43 -24.08 -0.12
N TRP B 110 8.14 -24.45 1.13
CA TRP B 110 9.18 -24.78 2.10
C TRP B 110 10.07 -25.91 1.61
N ALA B 111 11.39 -25.68 1.65
CA ALA B 111 12.40 -26.68 1.32
C ALA B 111 13.81 -26.15 1.54
N ASP B 112 14.66 -26.94 2.20
CA ASP B 112 16.09 -26.63 2.34
C ASP B 112 16.33 -25.28 3.01
N ASN B 113 15.60 -25.02 4.11
CA ASN B 113 15.77 -23.82 4.92
C ASN B 113 15.60 -22.54 4.10
N ASN B 114 14.76 -22.57 3.07
CA ASN B 114 14.65 -21.42 2.16
C ASN B 114 13.71 -20.34 2.66
N CYS B 115 13.33 -20.33 3.94
CA CYS B 115 12.38 -19.34 4.43
C CYS B 115 12.95 -17.93 4.34
N TYR B 116 14.27 -17.77 4.52
CA TYR B 116 14.86 -16.44 4.48
C TYR B 116 14.93 -15.91 3.05
N LEU B 117 15.09 -16.79 2.07
CA LEU B 117 15.01 -16.36 0.68
C LEU B 117 13.58 -16.13 0.25
N SER B 118 12.62 -16.84 0.84
CA SER B 118 11.21 -16.57 0.58
C SER B 118 10.85 -15.15 0.98
N SER B 119 11.36 -14.69 2.13
CA SER B 119 11.10 -13.32 2.57
C SER B 119 11.77 -12.31 1.65
N VAL B 120 12.98 -12.60 1.18
CA VAL B 120 13.68 -11.70 0.27
C VAL B 120 12.91 -11.58 -1.05
N LEU B 121 12.48 -12.72 -1.59
CA LEU B 121 11.76 -12.73 -2.86
C LEU B 121 10.44 -11.97 -2.75
N LEU B 122 9.69 -12.21 -1.68
CA LEU B 122 8.42 -11.51 -1.49
C LEU B 122 8.62 -10.02 -1.28
N ALA B 123 9.74 -9.63 -0.66
CA ALA B 123 9.98 -8.21 -0.42
C ALA B 123 10.33 -7.48 -1.71
N LEU B 124 11.12 -8.10 -2.58
CA LEU B 124 11.57 -7.44 -3.80
C LEU B 124 10.39 -7.13 -4.72
N GLN B 125 9.42 -8.03 -4.80
CA GLN B 125 8.27 -7.84 -5.68
C GLN B 125 7.39 -6.67 -5.27
N GLN B 126 7.58 -6.12 -4.07
CA GLN B 126 6.79 -5.00 -3.59
C GLN B 126 7.55 -3.67 -3.58
N LEU B 127 8.83 -3.68 -3.93
CA LEU B 127 9.61 -2.47 -4.03
C LEU B 127 9.85 -2.14 -5.50
N GLU B 128 9.90 -0.84 -5.81
CA GLU B 128 10.18 -0.38 -7.17
C GLU B 128 11.69 -0.39 -7.36
N VAL B 129 12.23 -1.61 -7.53
CA VAL B 129 13.67 -1.84 -7.64
C VAL B 129 13.97 -2.36 -9.04
N LYS B 130 15.13 -1.98 -9.57
CA LYS B 130 15.64 -2.51 -10.83
C LYS B 130 17.14 -2.75 -10.69
N PHE B 131 17.56 -3.96 -11.04
CA PHE B 131 18.95 -4.40 -11.01
C PHE B 131 19.68 -3.93 -12.27
N ASN B 132 21.02 -3.92 -12.17
CA ASN B 132 21.88 -3.54 -13.29
C ASN B 132 22.29 -4.75 -14.12
N ALA B 133 22.71 -5.82 -13.46
CA ALA B 133 23.14 -7.03 -14.15
C ALA B 133 21.97 -7.61 -14.93
N PRO B 134 22.08 -7.75 -16.26
CA PRO B 134 20.99 -8.35 -17.03
C PRO B 134 20.61 -9.75 -16.60
N ALA B 135 21.52 -10.46 -15.92
CA ALA B 135 21.18 -11.78 -15.39
C ALA B 135 20.05 -11.67 -14.37
N LEU B 136 20.15 -10.72 -13.44
CA LEU B 136 19.11 -10.54 -12.45
C LEU B 136 17.85 -9.92 -13.07
N GLN B 137 18.01 -9.06 -14.07
CA GLN B 137 16.85 -8.48 -14.74
C GLN B 137 15.97 -9.57 -15.36
N GLU B 138 16.58 -10.46 -16.14
CA GLU B 138 15.81 -11.53 -16.77
C GLU B 138 15.31 -12.54 -15.75
N ALA B 139 16.14 -12.88 -14.76
CA ALA B 139 15.71 -13.83 -13.73
C ALA B 139 14.62 -13.24 -12.84
N TYR B 140 14.60 -11.92 -12.68
CA TYR B 140 13.56 -11.30 -11.85
C TYR B 140 12.24 -11.18 -12.57
N TYR B 141 12.25 -11.01 -13.90
CA TYR B 141 11.01 -11.06 -14.66
C TYR B 141 10.38 -12.44 -14.57
N ARG B 142 11.16 -13.48 -14.87
CA ARG B 142 10.66 -14.85 -14.79
C ARG B 142 10.24 -15.20 -13.36
N ALA B 143 10.87 -14.60 -12.36
CA ALA B 143 10.49 -14.86 -10.98
C ALA B 143 9.12 -14.29 -10.68
N ARG B 144 8.87 -13.05 -11.10
CA ARG B 144 7.55 -12.45 -10.90
C ARG B 144 6.47 -13.15 -11.72
N ALA B 145 6.86 -13.87 -12.78
CA ALA B 145 5.91 -14.66 -13.55
C ALA B 145 5.71 -16.06 -12.99
N GLY B 146 6.62 -16.54 -12.14
CA GLY B 146 6.45 -17.84 -11.51
C GLY B 146 7.66 -18.74 -11.53
N ASP B 147 8.67 -18.39 -12.34
CA ASP B 147 9.87 -19.21 -12.47
C ASP B 147 11.03 -18.56 -11.71
N ALA B 148 10.95 -18.66 -10.39
CA ALA B 148 11.95 -18.06 -9.51
C ALA B 148 13.16 -18.95 -9.29
N ALA B 149 13.26 -20.08 -9.97
CA ALA B 149 14.38 -21.01 -9.76
C ALA B 149 15.70 -20.36 -10.11
N ASN B 150 15.78 -19.76 -11.31
CA ASN B 150 17.03 -19.11 -11.71
C ASN B 150 17.33 -17.90 -10.85
N PHE B 151 16.29 -17.17 -10.43
CA PHE B 151 16.51 -15.99 -9.60
C PHE B 151 17.00 -16.37 -8.21
N CYS B 152 16.47 -17.47 -7.65
CA CYS B 152 16.91 -17.91 -6.34
C CYS B 152 18.36 -18.38 -6.35
N ALA B 153 18.75 -19.11 -7.39
CA ALA B 153 20.13 -19.58 -7.49
C ALA B 153 21.11 -18.43 -7.63
N LEU B 154 20.70 -17.37 -8.34
CA LEU B 154 21.58 -16.21 -8.50
C LEU B 154 21.81 -15.50 -7.17
N ILE B 155 20.75 -15.31 -6.38
CA ILE B 155 20.87 -14.64 -5.08
C ILE B 155 21.85 -15.40 -4.20
N LEU B 156 21.79 -16.73 -4.21
CA LEU B 156 22.73 -17.54 -3.44
C LEU B 156 24.16 -17.34 -3.93
N ALA B 157 24.35 -17.32 -5.25
CA ALA B 157 25.69 -17.10 -5.79
C ALA B 157 26.20 -15.70 -5.48
N TYR B 158 25.31 -14.71 -5.52
CA TYR B 158 25.70 -13.33 -5.18
C TYR B 158 25.87 -13.13 -3.67
N SER B 159 25.50 -14.11 -2.85
CA SER B 159 25.62 -14.01 -1.41
C SER B 159 26.67 -14.96 -0.84
N ASN B 160 27.35 -15.74 -1.68
CA ASN B 160 28.25 -16.80 -1.24
C ASN B 160 27.54 -17.73 -0.24
N LYS B 161 26.29 -18.04 -0.55
CA LYS B 161 25.46 -18.93 0.24
C LYS B 161 25.14 -20.18 -0.58
N THR B 162 25.19 -21.33 0.06
CA THR B 162 24.84 -22.59 -0.57
C THR B 162 23.45 -23.03 -0.12
N VAL B 163 22.82 -23.87 -0.96
CA VAL B 163 21.47 -24.35 -0.66
C VAL B 163 21.48 -25.16 0.63
N GLY B 164 20.46 -24.95 1.46
CA GLY B 164 20.31 -25.61 2.73
C GLY B 164 20.84 -24.82 3.91
N GLU B 165 21.81 -23.94 3.67
CA GLU B 165 22.38 -23.13 4.73
C GLU B 165 21.33 -22.17 5.30
N LEU B 166 21.31 -22.05 6.63
CA LEU B 166 20.49 -21.04 7.26
C LEU B 166 20.96 -19.65 6.84
N GLY B 167 20.06 -18.67 6.92
CA GLY B 167 20.37 -17.37 6.35
C GLY B 167 19.77 -16.20 7.12
N ASP B 168 20.23 -15.01 6.74
CA ASP B 168 19.76 -13.75 7.29
C ASP B 168 19.15 -12.93 6.15
N VAL B 169 17.92 -12.46 6.34
CA VAL B 169 17.23 -11.72 5.30
C VAL B 169 17.88 -10.36 5.09
N ARG B 170 18.11 -9.62 6.17
CA ARG B 170 18.69 -8.29 6.07
C ARG B 170 20.06 -8.33 5.41
N GLU B 171 20.87 -9.33 5.75
CA GLU B 171 22.19 -9.46 5.15
C GLU B 171 22.10 -9.87 3.69
N THR B 172 21.13 -10.72 3.34
CA THR B 172 20.95 -11.11 1.95
C THR B 172 20.44 -9.95 1.11
N MET B 173 19.57 -9.12 1.68
CA MET B 173 19.11 -7.91 1.00
C MET B 173 20.28 -6.98 0.68
N THR B 174 21.24 -6.89 1.62
CA THR B 174 22.39 -6.00 1.40
C THR B 174 23.17 -6.39 0.16
N HIS B 175 23.41 -7.70 -0.04
CA HIS B 175 24.19 -8.14 -1.19
C HIS B 175 23.45 -7.88 -2.50
N LEU B 176 22.15 -8.14 -2.54
CA LEU B 176 21.39 -7.99 -3.77
C LEU B 176 21.24 -6.53 -4.15
N LEU B 177 21.02 -5.66 -3.17
CA LEU B 177 20.90 -4.23 -3.46
C LEU B 177 22.23 -3.61 -3.90
N GLN B 178 23.35 -4.32 -3.74
CA GLN B 178 24.59 -3.88 -4.36
C GLN B 178 24.47 -3.87 -5.88
N HIS B 179 23.73 -4.82 -6.44
CA HIS B 179 23.53 -4.92 -7.88
C HIS B 179 22.27 -4.20 -8.35
N ALA B 180 21.52 -3.59 -7.45
CA ALA B 180 20.39 -2.75 -7.83
C ALA B 180 20.87 -1.33 -8.11
N ASN B 181 20.09 -0.61 -8.91
CA ASN B 181 20.43 0.75 -9.30
C ASN B 181 19.81 1.72 -8.29
N LEU B 182 20.66 2.20 -7.37
CA LEU B 182 20.25 3.18 -6.38
C LEU B 182 21.10 4.44 -6.49
N GLU B 183 21.56 4.77 -7.70
CA GLU B 183 22.41 5.94 -7.88
C GLU B 183 21.70 7.22 -7.49
N SER B 184 20.37 7.24 -7.58
CA SER B 184 19.59 8.39 -7.16
C SER B 184 19.20 8.35 -5.69
N ALA B 185 19.46 7.23 -5.00
CA ALA B 185 19.11 7.11 -3.60
C ALA B 185 20.00 8.01 -2.75
N LYS B 186 19.37 8.88 -1.96
CA LYS B 186 20.09 9.82 -1.11
C LYS B 186 19.42 9.87 0.25
N ARG B 187 20.24 10.07 1.29
CA ARG B 187 19.75 10.22 2.65
C ARG B 187 20.65 11.20 3.40
N VAL B 188 20.03 12.17 4.06
CA VAL B 188 20.74 13.18 4.84
C VAL B 188 20.35 13.01 6.30
N LEU B 189 21.33 12.74 7.14
CA LEU B 189 21.11 12.51 8.57
C LEU B 189 21.77 13.62 9.38
N ASN B 190 21.07 14.07 10.42
CA ASN B 190 21.58 15.07 11.35
C ASN B 190 21.83 14.43 12.70
N VAL B 191 22.90 14.88 13.37
CA VAL B 191 23.25 14.41 14.71
C VAL B 191 23.44 15.63 15.58
N VAL B 192 22.70 15.71 16.69
CA VAL B 192 22.67 16.89 17.55
C VAL B 192 23.15 16.49 18.94
N CYS B 193 24.27 17.04 19.35
CA CYS B 193 24.80 16.89 20.71
C CYS B 193 24.66 18.20 21.44
N LYS B 194 24.18 18.15 22.69
CA LYS B 194 24.01 19.36 23.48
C LYS B 194 25.33 20.10 23.70
N HIS B 195 26.46 19.40 23.61
CA HIS B 195 27.77 19.97 23.85
C HIS B 195 28.53 20.28 22.57
N CYS B 196 28.47 19.40 21.57
CA CYS B 196 29.26 19.55 20.36
C CYS B 196 28.54 20.32 19.26
N GLY B 197 27.22 20.25 19.22
CA GLY B 197 26.45 20.91 18.18
C GLY B 197 25.84 19.93 17.20
N GLN B 198 25.56 20.43 16.00
CA GLN B 198 24.90 19.67 14.96
C GLN B 198 25.90 19.30 13.86
N LYS B 199 25.91 18.04 13.47
CA LYS B 199 26.72 17.58 12.35
C LYS B 199 25.84 16.84 11.36
N THR B 200 26.15 17.01 10.07
CA THR B 200 25.33 16.51 8.98
C THR B 200 26.12 15.52 8.15
N THR B 201 25.47 14.43 7.74
CA THR B 201 26.08 13.41 6.90
C THR B 201 25.15 13.08 5.75
N THR B 202 25.73 12.73 4.60
CA THR B 202 24.98 12.35 3.41
C THR B 202 25.36 10.92 3.02
N LEU B 203 24.35 10.10 2.79
CA LEU B 203 24.54 8.71 2.39
C LEU B 203 23.93 8.49 1.01
N THR B 204 24.58 7.65 0.21
CA THR B 204 24.10 7.32 -1.13
C THR B 204 24.13 5.82 -1.33
N GLY B 205 23.24 5.33 -2.19
CA GLY B 205 23.21 3.92 -2.52
C GLY B 205 22.53 3.05 -1.48
N VAL B 206 23.09 1.85 -1.26
CA VAL B 206 22.46 0.90 -0.35
C VAL B 206 22.47 1.42 1.08
N GLU B 207 23.50 2.19 1.46
CA GLU B 207 23.54 2.75 2.80
C GLU B 207 22.50 3.85 3.00
N ALA B 208 21.95 4.38 1.92
CA ALA B 208 20.93 5.42 2.03
C ALA B 208 19.53 4.85 2.25
N VAL B 209 19.32 3.57 1.95
CA VAL B 209 17.98 3.00 1.98
C VAL B 209 17.75 2.04 3.14
N MET B 210 18.79 1.49 3.75
CA MET B 210 18.60 0.58 4.88
C MET B 210 19.33 1.09 6.10
N TYR B 211 18.66 0.98 7.25
CA TYR B 211 19.13 1.46 8.53
C TYR B 211 19.04 0.33 9.55
N MET B 212 19.97 0.30 10.50
CA MET B 212 20.02 -0.73 11.53
C MET B 212 19.96 -0.08 12.90
N GLY B 213 18.93 -0.40 13.67
CA GLY B 213 18.79 0.12 15.02
C GLY B 213 17.36 0.22 15.51
N THR B 214 16.43 0.49 14.59
CA THR B 214 15.03 0.63 14.93
C THR B 214 14.17 0.17 13.76
N LEU B 215 12.97 -0.32 14.09
CA LEU B 215 11.99 -0.73 13.08
C LEU B 215 11.09 0.42 12.63
N SER B 216 11.02 1.50 13.40
CA SER B 216 10.08 2.58 13.14
C SER B 216 10.72 3.62 12.24
N TYR B 217 10.18 3.76 11.02
CA TYR B 217 10.61 4.85 10.14
C TYR B 217 10.32 6.21 10.77
N ASP B 218 9.32 6.29 11.64
CA ASP B 218 8.97 7.54 12.30
C ASP B 218 9.97 7.92 13.38
N ASN B 219 10.54 6.92 14.08
CA ASN B 219 11.55 7.23 15.09
C ASN B 219 12.81 7.81 14.46
N LEU B 220 13.15 7.38 13.24
CA LEU B 220 14.27 7.98 12.53
C LEU B 220 13.96 9.41 12.11
N LYS B 221 12.68 9.73 11.92
CA LYS B 221 12.28 11.08 11.54
C LYS B 221 12.23 12.04 12.73
N THR B 222 12.16 11.51 13.95
CA THR B 222 12.10 12.35 15.14
C THR B 222 13.30 12.23 16.06
N GLY B 223 14.05 11.12 16.00
CA GLY B 223 15.27 11.04 16.78
C GLY B 223 15.53 9.71 17.44
N VAL B 224 16.72 9.15 17.18
CA VAL B 224 17.22 7.98 17.90
C VAL B 224 18.55 8.35 18.53
N SER B 225 18.83 7.74 19.68
CA SER B 225 20.05 8.04 20.41
C SER B 225 21.24 7.33 19.76
N ILE B 226 22.30 8.09 19.49
CA ILE B 226 23.57 7.51 19.06
C ILE B 226 24.68 8.10 19.92
N PRO B 227 25.76 7.37 20.16
CA PRO B 227 26.85 7.91 20.99
C PRO B 227 27.65 8.96 20.23
N CYS B 228 27.90 10.09 20.87
CA CYS B 228 28.81 11.09 20.35
C CYS B 228 30.23 10.76 20.78
N VAL B 229 31.20 11.17 19.96
CA VAL B 229 32.59 10.87 20.24
C VAL B 229 33.08 11.58 21.51
N CYS B 230 32.33 12.58 21.99
CA CYS B 230 32.70 13.29 23.20
C CYS B 230 32.33 12.53 24.48
N GLY B 231 31.63 11.41 24.37
CA GLY B 231 31.24 10.61 25.50
C GLY B 231 29.78 10.68 25.86
N ARG B 232 29.09 11.74 25.45
CA ARG B 232 27.65 11.84 25.66
C ARG B 232 26.92 11.07 24.57
N ASP B 233 25.58 11.09 24.64
CA ASP B 233 24.73 10.52 23.61
C ASP B 233 23.99 11.64 22.90
N ALA B 234 24.05 11.62 21.57
CA ALA B 234 23.41 12.63 20.75
C ALA B 234 22.16 12.05 20.10
N THR B 235 21.34 12.94 19.55
CA THR B 235 20.11 12.54 18.87
C THR B 235 20.31 12.63 17.36
N GLN B 236 19.94 11.55 16.67
CA GLN B 236 20.09 11.45 15.22
C GLN B 236 18.71 11.37 14.58
N TYR B 237 18.47 12.19 13.56
CA TYR B 237 17.17 12.21 12.90
C TYR B 237 17.33 12.43 11.41
N LEU B 238 16.30 12.04 10.67
CA LEU B 238 16.31 12.11 9.22
C LEU B 238 16.00 13.53 8.76
N VAL B 239 16.88 14.09 7.94
CA VAL B 239 16.68 15.42 7.38
C VAL B 239 16.05 15.34 5.99
N GLN B 240 16.60 14.47 5.14
CA GLN B 240 16.19 14.39 3.74
C GLN B 240 16.34 12.96 3.26
N GLN B 241 15.33 12.44 2.56
CA GLN B 241 15.36 11.08 2.04
C GLN B 241 14.83 11.09 0.62
N GLU B 242 15.55 10.44 -0.29
CA GLU B 242 15.16 10.37 -1.71
C GLU B 242 15.37 8.93 -2.16
N SER B 243 14.30 8.14 -2.18
CA SER B 243 14.35 6.76 -2.63
C SER B 243 12.92 6.24 -2.78
N SER B 244 12.80 5.11 -3.48
CA SER B 244 11.50 4.47 -3.64
C SER B 244 11.08 3.69 -2.41
N PHE B 245 11.99 3.43 -1.48
CA PHE B 245 11.69 2.65 -0.29
C PHE B 245 12.79 2.88 0.74
N VAL B 246 12.49 2.49 1.97
CA VAL B 246 13.48 2.42 3.04
C VAL B 246 13.28 1.09 3.78
N MET B 247 14.36 0.59 4.38
CA MET B 247 14.35 -0.70 5.07
C MET B 247 14.93 -0.53 6.46
N MET B 248 14.08 -0.64 7.47
CA MET B 248 14.50 -0.51 8.86
C MET B 248 14.70 -1.89 9.47
N SER B 249 15.86 -2.09 10.10
CA SER B 249 16.20 -3.37 10.70
C SER B 249 16.56 -3.18 12.17
N ALA B 250 16.45 -4.27 12.92
CA ALA B 250 16.75 -4.30 14.34
C ALA B 250 16.75 -5.75 14.80
N PRO B 251 17.41 -6.05 15.92
CA PRO B 251 17.33 -7.39 16.50
C PRO B 251 15.89 -7.76 16.80
N PRO B 252 15.52 -9.03 16.64
CA PRO B 252 14.11 -9.42 16.80
C PRO B 252 13.56 -9.08 18.17
N ALA B 253 12.44 -8.37 18.19
CA ALA B 253 11.70 -8.04 19.40
C ALA B 253 10.24 -7.88 19.04
N GLU B 254 9.37 -8.13 20.01
CA GLU B 254 7.94 -8.06 19.76
C GLU B 254 7.53 -6.63 19.42
N TYR B 255 6.90 -6.47 18.25
CA TYR B 255 6.61 -5.17 17.66
C TYR B 255 5.23 -5.22 17.03
N LYS B 256 4.46 -4.14 17.21
CA LYS B 256 3.09 -4.09 16.72
C LYS B 256 3.07 -3.47 15.33
N LEU B 257 2.70 -4.26 14.33
CA LEU B 257 2.52 -3.78 12.96
C LEU B 257 1.10 -3.24 12.82
N GLN B 258 0.97 -1.95 12.56
CA GLN B 258 -0.33 -1.31 12.43
C GLN B 258 -0.80 -1.37 10.98
N GLN B 259 -2.11 -1.45 10.80
CA GLN B 259 -2.71 -1.53 9.48
C GLN B 259 -2.32 -0.33 8.63
N GLY B 260 -1.82 -0.59 7.43
CA GLY B 260 -1.55 0.47 6.47
C GLY B 260 -0.59 1.54 6.93
N THR B 261 0.44 1.15 7.69
CA THR B 261 1.49 2.08 8.10
C THR B 261 2.88 1.57 7.70
N PHE B 262 2.95 0.56 6.84
CA PHE B 262 4.23 0.04 6.35
C PHE B 262 3.96 -0.71 5.05
N LEU B 263 5.02 -1.01 4.33
CA LEU B 263 4.88 -1.77 3.09
C LEU B 263 4.84 -3.27 3.37
N CYS B 264 5.92 -3.81 3.93
CA CYS B 264 5.96 -5.21 4.30
C CYS B 264 6.97 -5.36 5.43
N ALA B 265 6.94 -6.50 6.09
CA ALA B 265 7.80 -6.71 7.25
C ALA B 265 8.29 -8.14 7.29
N ASN B 266 9.34 -8.38 8.06
CA ASN B 266 9.84 -9.72 8.29
C ASN B 266 9.77 -10.04 9.77
N GLU B 267 9.53 -11.31 10.05
CA GLU B 267 9.30 -11.79 11.41
C GLU B 267 10.13 -13.04 11.66
N TYR B 268 10.76 -13.09 12.82
CA TYR B 268 11.79 -14.08 13.12
C TYR B 268 11.47 -14.75 14.45
N THR B 269 11.10 -16.02 14.39
CA THR B 269 10.72 -16.80 15.56
C THR B 269 11.84 -17.80 15.86
N GLY B 270 12.35 -17.75 17.09
CA GLY B 270 13.41 -18.64 17.52
C GLY B 270 14.54 -17.90 18.20
N ASN B 271 15.77 -18.40 18.03
CA ASN B 271 16.95 -17.73 18.58
C ASN B 271 17.98 -17.54 17.48
N TYR B 272 19.17 -17.05 17.85
CA TYR B 272 20.19 -16.75 16.85
C TYR B 272 20.83 -18.00 16.28
N GLN B 273 20.73 -19.15 16.97
CA GLN B 273 21.24 -20.39 16.41
C GLN B 273 20.31 -20.93 15.34
N CYS B 274 19.02 -21.03 15.64
CA CYS B 274 18.02 -21.54 14.71
C CYS B 274 16.75 -20.73 14.86
N GLY B 275 16.29 -20.14 13.76
CA GLY B 275 15.05 -19.38 13.76
C GLY B 275 14.20 -19.65 12.53
N HIS B 276 13.11 -18.91 12.38
CA HIS B 276 12.22 -19.10 11.24
C HIS B 276 11.67 -17.75 10.78
N TYR B 277 11.70 -17.52 9.48
CA TYR B 277 11.18 -16.29 8.87
C TYR B 277 9.81 -16.54 8.27
N THR B 278 8.88 -15.62 8.53
CA THR B 278 7.68 -15.48 7.72
C THR B 278 7.55 -14.02 7.31
N HIS B 279 6.88 -13.81 6.18
CA HIS B 279 6.75 -12.50 5.57
C HIS B 279 5.34 -11.95 5.80
N ILE B 280 5.25 -10.65 6.04
CA ILE B 280 3.97 -9.97 6.31
C ILE B 280 3.91 -8.74 5.41
N THR B 281 2.99 -8.76 4.44
CA THR B 281 2.76 -7.61 3.58
C THR B 281 1.49 -6.89 4.03
N ALA B 282 1.49 -5.57 3.90
CA ALA B 282 0.37 -4.74 4.32
C ALA B 282 -0.46 -4.40 3.08
N LYS B 283 -1.69 -4.92 3.05
CA LYS B 283 -2.63 -4.64 1.98
C LYS B 283 -3.81 -3.86 2.54
N GLU B 284 -5.02 -4.15 2.07
CA GLU B 284 -6.21 -3.68 2.78
C GLU B 284 -6.30 -4.29 4.16
N THR B 285 -5.61 -5.41 4.39
CA THR B 285 -5.37 -5.97 5.71
C THR B 285 -3.99 -6.62 5.69
N LEU B 286 -3.64 -7.29 6.79
CA LEU B 286 -2.32 -7.89 6.93
C LEU B 286 -2.32 -9.30 6.36
N TYR B 287 -1.43 -9.56 5.40
CA TYR B 287 -1.27 -10.87 4.81
C TYR B 287 0.00 -11.52 5.36
N ARG B 288 -0.14 -12.68 5.97
CA ARG B 288 1.00 -13.45 6.48
C ARG B 288 1.31 -14.56 5.47
N ILE B 289 2.45 -14.45 4.81
CA ILE B 289 2.87 -15.42 3.80
C ILE B 289 3.99 -16.25 4.40
N ASP B 290 3.67 -17.47 4.82
CA ASP B 290 4.63 -18.41 5.39
C ASP B 290 4.85 -19.51 4.35
N GLY B 291 5.80 -19.27 3.45
CA GLY B 291 6.05 -20.20 2.36
C GLY B 291 4.89 -20.26 1.39
N ALA B 292 4.15 -21.37 1.41
CA ALA B 292 2.99 -21.55 0.55
C ALA B 292 1.68 -21.22 1.24
N HIS B 293 1.72 -20.81 2.50
CA HIS B 293 0.53 -20.66 3.33
C HIS B 293 0.22 -19.19 3.57
N LEU B 294 -1.02 -18.80 3.33
CA LEU B 294 -1.48 -17.43 3.47
C LEU B 294 -2.49 -17.33 4.61
N THR B 295 -2.33 -16.31 5.44
CA THR B 295 -3.28 -15.98 6.48
C THR B 295 -3.50 -14.48 6.50
N LYS B 296 -4.76 -14.06 6.49
CA LYS B 296 -5.11 -12.65 6.67
C LYS B 296 -5.32 -12.38 8.14
N MET B 297 -4.80 -11.26 8.62
CA MET B 297 -4.84 -10.93 10.03
C MET B 297 -5.36 -9.51 10.23
N SER B 298 -6.14 -9.31 11.28
CA SER B 298 -6.63 -7.98 11.62
C SER B 298 -5.62 -7.23 12.49
N GLU B 299 -4.83 -7.95 13.27
CA GLU B 299 -3.78 -7.36 14.09
C GLU B 299 -2.55 -8.26 14.02
N TYR B 300 -1.42 -7.71 14.45
CA TYR B 300 -0.22 -8.52 14.57
C TYR B 300 0.73 -7.89 15.59
N LYS B 301 1.13 -8.69 16.58
CA LYS B 301 2.19 -8.32 17.52
C LYS B 301 3.11 -9.51 17.68
N GLY B 302 4.30 -9.45 17.06
CA GLY B 302 5.23 -10.54 17.09
C GLY B 302 6.67 -10.09 16.92
N PRO B 303 7.60 -11.05 16.87
CA PRO B 303 9.03 -10.70 16.82
C PRO B 303 9.49 -10.24 15.44
N VAL B 304 9.40 -8.94 15.19
CA VAL B 304 9.73 -8.37 13.89
C VAL B 304 11.21 -8.00 13.87
N THR B 305 11.87 -8.22 12.73
CA THR B 305 13.28 -7.89 12.57
C THR B 305 13.56 -6.94 11.41
N ASP B 306 12.70 -6.88 10.39
CA ASP B 306 12.87 -5.96 9.28
C ASP B 306 11.50 -5.43 8.87
N VAL B 307 11.40 -4.12 8.63
CA VAL B 307 10.18 -3.49 8.15
C VAL B 307 10.55 -2.62 6.95
N PHE B 308 9.75 -2.71 5.89
CA PHE B 308 9.94 -1.92 4.69
C PHE B 308 8.88 -0.84 4.60
N TYR B 309 9.26 0.34 4.09
CA TYR B 309 8.36 1.47 3.94
C TYR B 309 8.45 2.03 2.53
N LYS B 310 7.30 2.41 1.98
CA LYS B 310 7.27 3.11 0.70
C LYS B 310 7.70 4.56 0.89
N GLU B 311 8.45 5.07 -0.07
CA GLU B 311 8.97 6.42 0.01
C GLU B 311 9.05 7.03 -1.38
N THR B 312 8.89 8.35 -1.44
CA THR B 312 9.18 9.11 -2.66
C THR B 312 10.20 10.20 -2.35
N SER B 313 9.83 11.21 -1.57
CA SER B 313 10.75 12.26 -1.15
C SER B 313 10.27 12.82 0.18
N TYR B 314 11.16 12.89 1.16
CA TYR B 314 10.84 13.38 2.48
C TYR B 314 11.78 14.50 2.88
N THR B 315 11.22 15.55 3.47
CA THR B 315 12.00 16.66 4.01
C THR B 315 11.52 16.93 5.43
N THR B 316 12.46 17.06 6.36
CA THR B 316 12.11 17.23 7.76
C THR B 316 11.50 18.61 8.00
N THR B 317 10.74 18.70 9.10
CA THR B 317 10.25 19.97 9.61
C THR B 317 10.99 20.43 10.86
N ILE B 318 11.88 19.61 11.40
CA ILE B 318 12.66 19.98 12.58
C ILE B 318 13.63 21.09 12.23
N LYS B 319 13.68 22.12 13.07
CA LYS B 319 14.51 23.30 12.86
C LYS B 319 14.37 23.87 11.45
N MET C 1 54.75 5.06 14.62
CA MET C 1 53.29 4.99 14.61
C MET C 1 52.76 4.58 15.98
N GLU C 2 51.69 5.25 16.42
CA GLU C 2 51.09 4.95 17.71
C GLU C 2 49.67 4.44 17.53
N PRO C 3 49.26 3.45 18.32
CA PRO C 3 47.93 2.85 18.14
C PRO C 3 46.81 3.85 18.42
N LEU C 4 45.61 3.43 18.04
CA LEU C 4 44.40 4.25 18.15
C LEU C 4 43.39 3.54 19.04
N SER C 5 42.82 4.27 19.98
CA SER C 5 41.84 3.73 20.91
C SER C 5 40.42 4.00 20.40
N ILE C 6 39.62 2.95 20.31
CA ILE C 6 38.23 3.04 19.89
C ILE C 6 37.38 2.29 20.92
N LEU C 7 36.07 2.27 20.67
CA LEU C 7 35.11 1.56 21.48
C LEU C 7 34.26 0.65 20.60
N VAL C 8 34.03 -0.57 21.06
CA VAL C 8 33.11 -1.49 20.41
C VAL C 8 31.99 -1.81 21.39
N ARG C 9 30.76 -1.59 20.96
CA ARG C 9 29.59 -1.84 21.80
C ARG C 9 28.91 -3.13 21.36
N ASN C 10 28.66 -4.01 22.33
CA ASN C 10 27.92 -5.23 22.04
C ASN C 10 26.42 -4.95 22.04
N ASN C 11 25.63 -6.00 21.84
CA ASN C 11 24.19 -5.84 21.73
C ASN C 11 23.52 -5.61 23.08
N LYS C 12 24.17 -6.01 24.18
CA LYS C 12 23.67 -5.68 25.52
C LYS C 12 23.84 -4.20 25.86
N GLY C 13 24.44 -3.41 24.97
CA GLY C 13 24.69 -2.01 25.22
C GLY C 13 26.01 -1.70 25.88
N ARG C 14 26.87 -2.71 26.07
CA ARG C 14 28.13 -2.54 26.78
C ARG C 14 29.26 -2.21 25.82
N SER C 15 30.13 -1.29 26.24
CA SER C 15 31.24 -0.82 25.41
C SER C 15 32.56 -1.08 26.11
N SER C 16 33.55 -1.53 25.33
CA SER C 16 34.90 -1.78 25.83
C SER C 16 35.91 -1.12 24.90
N THR C 17 37.12 -0.91 25.41
CA THR C 17 38.16 -0.18 24.71
C THR C 17 39.09 -1.13 23.96
N TYR C 18 39.55 -0.69 22.79
CA TYR C 18 40.48 -1.45 21.97
C TYR C 18 41.53 -0.52 21.38
N GLU C 19 42.77 -0.99 21.30
CA GLU C 19 43.85 -0.28 20.64
C GLU C 19 44.17 -0.99 19.33
N VAL C 20 44.05 -0.28 18.21
CA VAL C 20 44.13 -0.88 16.89
C VAL C 20 45.16 -0.13 16.05
N ARG C 21 45.80 -0.86 15.14
CA ARG C 21 46.56 -0.23 14.08
C ARG C 21 45.63 0.13 12.93
N LEU C 22 45.84 1.31 12.35
CA LEU C 22 45.04 1.70 11.19
C LEU C 22 45.30 0.82 9.98
N THR C 23 46.45 0.15 9.92
CA THR C 23 46.77 -0.73 8.82
C THR C 23 46.19 -2.13 8.99
N GLN C 24 45.71 -2.49 10.18
CA GLN C 24 45.10 -3.78 10.38
C GLN C 24 43.71 -3.81 9.75
N THR C 25 43.26 -5.02 9.40
CA THR C 25 41.98 -5.17 8.72
C THR C 25 40.84 -5.21 9.71
N VAL C 26 39.61 -5.17 9.18
CA VAL C 26 38.43 -5.31 10.01
C VAL C 26 38.37 -6.72 10.62
N ALA C 27 38.83 -7.72 9.86
CA ALA C 27 38.86 -9.08 10.39
C ALA C 27 39.77 -9.18 11.61
N HIS C 28 40.90 -8.46 11.60
CA HIS C 28 41.74 -8.38 12.79
C HIS C 28 40.99 -7.78 13.97
N LEU C 29 40.23 -6.70 13.71
CA LEU C 29 39.47 -6.06 14.77
C LEU C 29 38.41 -7.00 15.34
N LYS C 30 37.81 -7.84 14.49
CA LYS C 30 36.83 -8.80 14.98
C LYS C 30 37.48 -9.85 15.87
N GLN C 31 38.72 -10.24 15.57
CA GLN C 31 39.41 -11.21 16.42
C GLN C 31 39.73 -10.63 17.79
N GLN C 32 40.00 -9.33 17.88
CA GLN C 32 40.14 -8.69 19.18
C GLN C 32 38.80 -8.66 19.91
N VAL C 33 37.75 -8.25 19.22
CA VAL C 33 36.43 -8.15 19.83
C VAL C 33 35.91 -9.54 20.21
N SER C 34 36.14 -10.53 19.35
CA SER C 34 35.76 -11.90 19.68
C SER C 34 36.48 -12.39 20.92
N GLY C 35 37.73 -11.95 21.12
CA GLY C 35 38.52 -12.45 22.23
C GLY C 35 38.01 -12.02 23.58
N LEU C 36 37.54 -10.77 23.69
CA LEU C 36 37.13 -10.22 24.97
C LEU C 36 35.63 -10.34 25.23
N GLU C 37 34.81 -10.43 24.18
CA GLU C 37 33.36 -10.57 24.38
C GLU C 37 32.92 -12.02 24.50
N GLY C 38 33.66 -12.95 23.89
CA GLY C 38 33.32 -14.35 23.99
C GLY C 38 32.37 -14.85 22.91
N VAL C 39 32.37 -14.23 21.73
CA VAL C 39 31.51 -14.62 20.62
C VAL C 39 32.39 -14.93 19.43
N GLN C 40 32.08 -16.04 18.74
CA GLN C 40 32.77 -16.37 17.51
C GLN C 40 32.58 -15.26 16.48
N ASP C 41 33.64 -14.93 15.74
CA ASP C 41 33.59 -13.78 14.85
C ASP C 41 32.69 -14.01 13.63
N ASP C 42 32.35 -15.27 13.33
CA ASP C 42 31.40 -15.54 12.26
C ASP C 42 29.96 -15.29 12.70
N LEU C 43 29.72 -15.08 13.99
CA LEU C 43 28.37 -14.88 14.52
C LEU C 43 27.96 -13.41 14.55
N PHE C 44 28.83 -12.49 14.16
CA PHE C 44 28.49 -11.07 14.24
C PHE C 44 29.20 -10.30 13.15
N TRP C 45 28.75 -9.05 12.97
CA TRP C 45 29.34 -8.10 12.04
C TRP C 45 29.45 -6.75 12.75
N LEU C 46 30.20 -5.83 12.15
CA LEU C 46 30.51 -4.54 12.77
C LEU C 46 30.03 -3.39 11.91
N THR C 47 29.66 -2.29 12.57
CA THR C 47 29.28 -1.05 11.89
C THR C 47 29.90 0.15 12.59
N PHE C 48 30.14 1.20 11.81
CA PHE C 48 30.62 2.47 12.33
C PHE C 48 29.83 3.58 11.64
N GLU C 49 28.98 4.25 12.42
CA GLU C 49 28.07 5.28 11.91
C GLU C 49 27.20 4.70 10.78
N GLY C 50 26.61 3.54 11.04
CA GLY C 50 25.71 2.87 10.13
C GLY C 50 26.35 1.99 9.07
N LYS C 51 27.51 2.40 8.55
CA LYS C 51 28.11 1.68 7.43
C LYS C 51 28.72 0.37 7.93
N PRO C 52 28.53 -0.74 7.19
CA PRO C 52 29.16 -2.00 7.61
C PRO C 52 30.65 -2.01 7.32
N LEU C 53 31.41 -2.55 8.27
CA LEU C 53 32.84 -2.75 8.10
C LEU C 53 33.08 -4.11 7.45
N GLU C 54 33.80 -4.11 6.33
CA GLU C 54 34.07 -5.34 5.59
C GLU C 54 35.41 -5.93 6.01
N ASP C 55 35.44 -7.26 6.11
CA ASP C 55 36.54 -7.95 6.79
C ASP C 55 37.90 -7.62 6.18
N GLN C 56 37.95 -7.44 4.86
CA GLN C 56 39.23 -7.33 4.16
C GLN C 56 39.78 -5.90 4.08
N LEU C 57 39.04 -4.89 4.56
CA LEU C 57 39.53 -3.54 4.41
C LEU C 57 40.28 -3.07 5.66
N PRO C 58 41.28 -2.20 5.48
CA PRO C 58 41.97 -1.65 6.66
C PRO C 58 41.10 -0.66 7.41
N LEU C 59 41.31 -0.60 8.72
CA LEU C 59 40.51 0.28 9.56
C LEU C 59 40.71 1.76 9.23
N GLY C 60 41.83 2.11 8.60
CA GLY C 60 42.09 3.50 8.28
C GLY C 60 41.12 4.09 7.27
N GLU C 61 40.58 3.25 6.38
CA GLU C 61 39.68 3.71 5.34
C GLU C 61 38.31 4.13 5.86
N TYR C 62 38.03 3.95 7.16
CA TYR C 62 36.73 4.28 7.71
C TYR C 62 36.71 5.57 8.51
N GLY C 63 37.87 6.17 8.75
CA GLY C 63 37.92 7.45 9.45
C GLY C 63 37.49 7.37 10.89
N LEU C 64 38.18 6.53 11.67
CA LEU C 64 37.85 6.34 13.07
C LEU C 64 38.54 7.42 13.91
N LYS C 65 37.74 8.30 14.50
CA LYS C 65 38.26 9.23 15.49
C LYS C 65 38.67 8.47 16.74
N PRO C 66 39.50 9.07 17.59
CA PRO C 66 39.78 8.47 18.89
C PRO C 66 38.50 8.35 19.71
N LEU C 67 38.29 7.16 20.29
CA LEU C 67 37.10 6.84 21.07
C LEU C 67 35.82 6.89 20.23
N SER C 68 35.94 6.66 18.93
CA SER C 68 34.77 6.37 18.12
C SER C 68 34.18 5.03 18.53
N THR C 69 32.89 4.86 18.26
CA THR C 69 32.14 3.70 18.73
C THR C 69 31.74 2.83 17.54
N VAL C 70 32.27 1.62 17.51
CA VAL C 70 31.87 0.58 16.57
C VAL C 70 30.80 -0.28 17.25
N PHE C 71 29.83 -0.74 16.46
CA PHE C 71 28.72 -1.54 16.99
C PHE C 71 28.83 -2.99 16.53
N MET C 72 28.52 -3.90 17.45
CA MET C 72 28.53 -5.33 17.17
C MET C 72 27.10 -5.81 17.00
N ASN C 73 26.80 -6.41 15.84
CA ASN C 73 25.47 -6.89 15.53
C ASN C 73 25.52 -8.38 15.25
N LEU C 74 24.62 -9.13 15.88
CA LEU C 74 24.59 -10.58 15.70
C LEU C 74 23.92 -10.96 14.38
N ARG C 75 24.41 -12.02 13.77
CA ARG C 75 23.81 -12.54 12.55
C ARG C 75 22.62 -13.45 12.87
N LEU C 76 21.64 -13.45 11.98
CA LEU C 76 20.46 -14.29 12.12
C LEU C 76 20.62 -15.56 11.29
N ARG C 77 19.97 -16.63 11.73
CA ARG C 77 20.08 -17.94 11.07
C ARG C 77 18.68 -18.54 10.98
N GLY C 78 17.97 -18.19 9.91
CA GLY C 78 16.64 -18.72 9.67
C GLY C 78 16.54 -19.55 8.41
N GLU D 2 -52.66 -0.43 -14.10
CA GLU D 2 -53.14 -0.45 -12.72
C GLU D 2 -52.69 0.79 -11.92
N PRO D 3 -52.91 1.99 -12.48
CA PRO D 3 -52.26 3.17 -11.90
C PRO D 3 -52.90 3.59 -10.58
N LEU D 4 -52.06 4.09 -9.68
CA LEU D 4 -52.47 4.68 -8.42
C LEU D 4 -51.84 6.06 -8.29
N SER D 5 -52.11 6.73 -7.17
CA SER D 5 -51.62 8.07 -6.92
C SER D 5 -50.83 8.11 -5.62
N ILE D 6 -49.66 8.76 -5.67
CA ILE D 6 -48.82 8.97 -4.50
C ILE D 6 -48.54 10.47 -4.39
N LEU D 7 -48.10 10.88 -3.20
CA LEU D 7 -47.73 12.26 -2.93
C LEU D 7 -46.21 12.39 -2.92
N VAL D 8 -45.73 13.49 -3.48
CA VAL D 8 -44.31 13.85 -3.42
C VAL D 8 -44.21 15.23 -2.79
N ARG D 9 -43.59 15.30 -1.62
CA ARG D 9 -43.47 16.55 -0.86
C ARG D 9 -42.16 17.23 -1.19
N ASN D 10 -42.23 18.53 -1.48
CA ASN D 10 -41.01 19.29 -1.74
C ASN D 10 -40.48 19.89 -0.44
N ASN D 11 -39.39 20.64 -0.58
CA ASN D 11 -38.65 21.17 0.56
C ASN D 11 -39.40 22.29 1.27
N LYS D 12 -40.43 22.86 0.65
CA LYS D 12 -41.26 23.87 1.32
C LYS D 12 -42.39 23.25 2.14
N GLY D 13 -42.56 21.93 2.08
CA GLY D 13 -43.60 21.27 2.85
C GLY D 13 -44.93 21.11 2.13
N ARG D 14 -44.93 21.03 0.81
CA ARG D 14 -46.15 20.88 0.03
C ARG D 14 -46.06 19.63 -0.84
N SER D 15 -47.16 18.88 -0.90
CA SER D 15 -47.20 17.59 -1.57
C SER D 15 -48.12 17.66 -2.79
N SER D 16 -47.55 17.38 -3.96
CA SER D 16 -48.32 17.24 -5.19
C SER D 16 -48.60 15.76 -5.45
N THR D 17 -49.72 15.50 -6.12
CA THR D 17 -50.12 14.13 -6.44
C THR D 17 -49.54 13.72 -7.79
N TYR D 18 -49.04 12.49 -7.85
CA TYR D 18 -48.44 11.94 -9.06
C TYR D 18 -49.08 10.59 -9.36
N GLU D 19 -49.45 10.38 -10.62
CA GLU D 19 -50.06 9.14 -11.06
C GLU D 19 -48.97 8.19 -11.54
N VAL D 20 -48.87 7.02 -10.89
CA VAL D 20 -47.79 6.08 -11.14
C VAL D 20 -48.32 4.66 -11.13
N ARG D 21 -47.55 3.77 -11.76
CA ARG D 21 -47.74 2.33 -11.63
C ARG D 21 -46.57 1.77 -10.83
N LEU D 22 -46.85 0.83 -9.93
CA LEU D 22 -45.80 0.29 -9.08
C LEU D 22 -44.74 -0.50 -9.87
N THR D 23 -44.99 -0.80 -11.15
CA THR D 23 -44.00 -1.45 -11.99
C THR D 23 -43.05 -0.46 -12.66
N GLN D 24 -43.36 0.83 -12.65
CA GLN D 24 -42.47 1.81 -13.26
C GLN D 24 -41.32 2.14 -12.33
N THR D 25 -40.20 2.52 -12.93
CA THR D 25 -38.96 2.72 -12.17
C THR D 25 -38.99 4.07 -11.43
N VAL D 26 -38.08 4.20 -10.47
CA VAL D 26 -37.95 5.46 -9.74
C VAL D 26 -37.48 6.57 -10.67
N ALA D 27 -36.59 6.24 -11.61
CA ALA D 27 -36.16 7.23 -12.59
C ALA D 27 -37.33 7.77 -13.40
N HIS D 28 -38.34 6.92 -13.66
CA HIS D 28 -39.55 7.39 -14.32
C HIS D 28 -40.27 8.42 -13.46
N LEU D 29 -40.42 8.13 -12.16
CA LEU D 29 -41.10 9.06 -11.27
C LEU D 29 -40.35 10.38 -11.16
N LYS D 30 -39.01 10.33 -11.14
CA LYS D 30 -38.23 11.55 -10.96
C LYS D 30 -38.42 12.51 -12.11
N GLN D 31 -38.62 12.01 -13.33
CA GLN D 31 -38.87 12.89 -14.47
C GLN D 31 -40.22 13.58 -14.38
N GLN D 32 -41.16 13.03 -13.60
CA GLN D 32 -42.42 13.71 -13.36
C GLN D 32 -42.26 14.80 -12.31
N VAL D 33 -41.57 14.50 -11.22
CA VAL D 33 -41.31 15.49 -10.18
C VAL D 33 -40.49 16.64 -10.74
N SER D 34 -39.57 16.32 -11.66
CA SER D 34 -38.73 17.36 -12.26
C SER D 34 -39.56 18.35 -13.06
N GLY D 35 -40.49 17.84 -13.88
CA GLY D 35 -41.32 18.72 -14.67
C GLY D 35 -42.23 19.60 -13.84
N LEU D 36 -42.64 19.12 -12.67
CA LEU D 36 -43.57 19.88 -11.84
C LEU D 36 -42.85 20.96 -11.04
N GLU D 37 -41.72 20.62 -10.41
CA GLU D 37 -41.05 21.51 -9.47
C GLU D 37 -39.93 22.34 -10.09
N GLY D 38 -39.60 22.11 -11.37
CA GLY D 38 -38.64 22.92 -12.06
C GLY D 38 -37.20 22.49 -11.91
N VAL D 39 -36.88 21.65 -10.93
CA VAL D 39 -35.52 21.15 -10.76
C VAL D 39 -35.28 20.00 -11.73
N GLN D 40 -34.04 19.87 -12.18
CA GLN D 40 -33.67 18.76 -13.07
C GLN D 40 -33.13 17.59 -12.24
N ASP D 41 -33.26 16.39 -12.80
CA ASP D 41 -33.21 15.16 -12.00
C ASP D 41 -31.92 15.02 -11.21
N ASP D 42 -30.79 15.40 -11.79
CA ASP D 42 -29.51 15.21 -11.11
C ASP D 42 -29.38 16.05 -9.85
N LEU D 43 -30.19 17.09 -9.70
CA LEU D 43 -30.04 18.04 -8.60
C LEU D 43 -30.98 17.76 -7.43
N PHE D 44 -31.65 16.60 -7.42
CA PHE D 44 -32.48 16.24 -6.28
C PHE D 44 -32.57 14.72 -6.19
N TRP D 45 -33.02 14.24 -5.04
CA TRP D 45 -33.19 12.81 -4.82
C TRP D 45 -34.40 12.56 -3.94
N LEU D 46 -35.03 11.41 -4.16
CA LEU D 46 -36.28 11.06 -3.48
C LEU D 46 -36.03 10.03 -2.38
N THR D 47 -36.82 10.15 -1.31
CA THR D 47 -36.79 9.20 -0.21
C THR D 47 -38.22 8.84 0.17
N PHE D 48 -38.37 7.66 0.77
CA PHE D 48 -39.66 7.21 1.29
C PHE D 48 -39.43 6.60 2.66
N GLU D 49 -39.94 7.24 3.70
CA GLU D 49 -39.74 6.82 5.09
C GLU D 49 -38.25 6.75 5.43
N GLY D 50 -37.49 7.71 4.92
CA GLY D 50 -36.07 7.77 5.17
C GLY D 50 -35.20 6.97 4.21
N LYS D 51 -35.75 5.94 3.59
CA LYS D 51 -34.95 5.14 2.67
C LYS D 51 -34.87 5.80 1.31
N PRO D 52 -33.67 6.04 0.78
CA PRO D 52 -33.56 6.62 -0.57
C PRO D 52 -34.02 5.64 -1.64
N LEU D 53 -34.45 6.19 -2.76
CA LEU D 53 -34.96 5.42 -3.89
C LEU D 53 -33.92 5.43 -5.01
N GLU D 54 -33.42 4.25 -5.36
CA GLU D 54 -32.49 4.11 -6.46
C GLU D 54 -33.25 4.10 -7.78
N ASP D 55 -32.72 4.81 -8.79
CA ASP D 55 -33.53 5.28 -9.91
C ASP D 55 -34.14 4.13 -10.71
N GLN D 56 -33.35 3.11 -11.02
CA GLN D 56 -33.77 2.09 -11.98
C GLN D 56 -34.49 0.91 -11.35
N LEU D 57 -34.90 1.01 -10.07
CA LEU D 57 -35.69 -0.03 -9.44
C LEU D 57 -37.17 0.31 -9.48
N PRO D 58 -38.03 -0.69 -9.57
CA PRO D 58 -39.47 -0.43 -9.62
C PRO D 58 -39.98 0.14 -8.30
N LEU D 59 -41.07 0.92 -8.41
CA LEU D 59 -41.63 1.58 -7.22
C LEU D 59 -42.20 0.57 -6.23
N GLY D 60 -42.73 -0.56 -6.72
CA GLY D 60 -43.36 -1.53 -5.85
C GLY D 60 -42.43 -2.15 -4.83
N GLU D 61 -41.12 -2.13 -5.08
CA GLU D 61 -40.17 -2.73 -4.16
C GLU D 61 -40.02 -1.93 -2.87
N TYR D 62 -40.49 -0.69 -2.83
CA TYR D 62 -40.40 0.15 -1.64
C TYR D 62 -41.68 0.19 -0.82
N GLY D 63 -42.68 -0.58 -1.21
CA GLY D 63 -43.93 -0.61 -0.45
C GLY D 63 -44.76 0.65 -0.55
N LEU D 64 -44.76 1.29 -1.72
CA LEU D 64 -45.54 2.51 -1.90
C LEU D 64 -47.02 2.18 -1.98
N LYS D 65 -47.81 2.81 -1.12
CA LYS D 65 -49.25 2.65 -1.04
C LYS D 65 -49.96 3.84 -1.68
N PRO D 66 -51.25 3.70 -2.00
CA PRO D 66 -52.00 4.87 -2.49
C PRO D 66 -51.91 6.05 -1.54
N LEU D 67 -51.50 7.19 -2.07
CA LEU D 67 -51.37 8.44 -1.32
C LEU D 67 -50.24 8.37 -0.28
N SER D 68 -49.22 7.56 -0.53
CA SER D 68 -48.01 7.63 0.27
C SER D 68 -47.25 8.92 -0.04
N THR D 69 -46.35 9.30 0.86
CA THR D 69 -45.61 10.54 0.73
C THR D 69 -44.14 10.24 0.48
N VAL D 70 -43.70 10.43 -0.75
CA VAL D 70 -42.28 10.49 -1.07
C VAL D 70 -41.79 11.91 -0.76
N PHE D 71 -40.53 12.03 -0.33
CA PHE D 71 -39.93 13.30 -0.02
C PHE D 71 -38.94 13.71 -1.10
N MET D 72 -38.88 15.00 -1.39
CA MET D 72 -37.95 15.55 -2.37
C MET D 72 -36.87 16.32 -1.62
N ASN D 73 -35.62 15.95 -1.85
CA ASN D 73 -34.47 16.56 -1.19
C ASN D 73 -33.54 17.13 -2.24
N LEU D 74 -33.11 18.38 -2.06
CA LEU D 74 -32.28 19.07 -3.02
C LEU D 74 -30.81 18.79 -2.76
N ARG D 75 -30.06 18.54 -3.83
CA ARG D 75 -28.63 18.27 -3.74
C ARG D 75 -27.85 19.58 -3.82
N LEU D 76 -26.98 19.81 -2.83
CA LEU D 76 -26.15 21.00 -2.83
C LEU D 76 -25.10 20.93 -3.94
N ARG D 77 -24.53 22.09 -4.28
CA ARG D 77 -23.54 22.22 -5.34
C ARG D 77 -22.38 23.05 -4.81
N GLY D 78 -21.53 22.41 -4.01
CA GLY D 78 -20.39 23.10 -3.40
C GLY D 78 -19.05 22.62 -3.90
#